data_6VN5
#
_entry.id   6VN5
#
_cell.length_a   70.430
_cell.length_b   65.078
_cell.length_c   85.189
_cell.angle_alpha   90.000
_cell.angle_beta   93.580
_cell.angle_gamma   90.000
#
_symmetry.space_group_name_H-M   'P 1 21 1'
#
loop_
_entity.id
_entity.type
_entity.pdbx_description
1 polymer 'Ubiquitin carboxyl-terminal hydrolase 7'
2 non-polymer [(2R)-7-(2-aminopyridin-4-yl)-5-chloro-2,3-dihydro-1-benzofuran-2-yl](piperazin-1-yl)methanone
3 water water
#
_entity_poly.entity_id   1
_entity_poly.type   'polypeptide(L)'
_entity_poly.pdbx_seq_one_letter_code
;GSKKHTGYVGLKNQGATCYMNSLLQTLFFTNQLRKAVYMMPTEGDDSSKSVPLALQRVFYELQHSDKPVGTKKLTKSFGW
ETLDSFMQHDVQELCRVLLDNVENKMKGTCVEGTIPKLFRGKMVSYIQCKEVDYRSDRREDYYDIQLSIKGKKNIFESFV
DYVAVEQLDGDNKYDAGEHGLQEAEKGVKFLTLPPVLHLQLMRFMYDPQTDQNIKINDRFEFPEQLPLDEFLQKTDPKDP
ANYILHAVLVHSGDNHGGHYVVYLNPKGDGKWCKFDDDVVSRCTKEEAIEHNYGGHDDDLSVRHCTNAYMLVYIRESKLS
EVLQAVTDHDIPQQLVERLQEEKRIEAQKR
;
_entity_poly.pdbx_strand_id   A,B
#
# COMPACT_ATOMS: atom_id res chain seq x y z
N SER A 2 -0.19 24.05 0.17
CA SER A 2 -0.54 23.83 -1.26
C SER A 2 -0.02 22.47 -1.75
N LYS A 3 -0.83 21.77 -2.53
CA LYS A 3 -0.54 20.37 -2.91
C LYS A 3 0.58 20.21 -3.94
N LYS A 4 0.64 21.11 -4.93
CA LYS A 4 1.62 20.99 -6.03
C LYS A 4 3.09 21.04 -5.60
N HIS A 5 3.37 21.74 -4.49
CA HIS A 5 4.74 21.90 -3.97
C HIS A 5 5.31 20.61 -3.37
N THR A 6 4.69 20.15 -2.28
CA THR A 6 5.18 18.98 -1.50
C THR A 6 4.44 17.66 -1.76
N GLY A 7 3.31 17.71 -2.47
CA GLY A 7 2.46 16.54 -2.70
C GLY A 7 1.45 16.26 -1.59
N TYR A 8 1.52 17.01 -0.49
CA TYR A 8 0.66 16.83 0.67
C TYR A 8 -0.25 18.04 0.81
N VAL A 9 -1.39 17.85 1.45
CA VAL A 9 -2.43 18.88 1.55
C VAL A 9 -2.73 19.23 3.01
N GLY A 10 -3.05 20.50 3.24
CA GLY A 10 -3.33 21.01 4.57
C GLY A 10 -4.75 20.82 5.04
N LEU A 11 -4.98 21.19 6.29
CA LEU A 11 -6.31 21.23 6.91
C LEU A 11 -6.73 22.68 7.09
N LYS A 12 -8.03 22.94 7.00
CA LYS A 12 -8.54 24.32 7.08
C LYS A 12 -8.24 24.95 8.44
N ASN A 13 -7.99 26.26 8.43
CA ASN A 13 -7.63 26.99 9.64
C ASN A 13 -8.83 27.06 10.59
N GLN A 14 -8.73 26.35 11.71
CA GLN A 14 -9.70 26.46 12.80
C GLN A 14 -8.94 26.68 14.11
N GLY A 15 -9.09 27.88 14.66
CA GLY A 15 -8.46 28.26 15.92
C GLY A 15 -8.99 27.50 17.12
N ALA A 16 -10.29 27.19 17.10
CA ALA A 16 -10.97 26.43 18.15
C ALA A 16 -10.41 25.01 18.35
N THR A 17 -9.99 24.37 17.26
CA THR A 17 -9.54 22.96 17.28
C THR A 17 -8.17 22.72 17.90
N CYS A 18 -7.37 23.78 18.05
CA CYS A 18 -6.08 23.74 18.75
C CYS A 18 -5.09 22.74 18.12
N TYR A 19 -5.10 21.51 18.62
CA TYR A 19 -4.07 20.48 18.32
C TYR A 19 -4.61 19.31 17.49
N MET A 20 -5.84 19.43 17.01
CA MET A 20 -6.49 18.35 16.27
C MET A 20 -5.84 18.15 14.90
N ASN A 21 -5.67 19.23 14.16
CA ASN A 21 -5.00 19.21 12.85
C ASN A 21 -3.59 18.61 12.89
N SER A 22 -2.86 18.90 13.96
CA SER A 22 -1.54 18.29 14.20
C SER A 22 -1.65 16.77 14.39
N LEU A 23 -2.65 16.34 15.15
CA LEU A 23 -2.91 14.92 15.40
C LEU A 23 -3.46 14.20 14.18
N LEU A 24 -4.40 14.82 13.48
CA LEU A 24 -5.01 14.21 12.28
C LEU A 24 -3.99 13.91 11.19
N GLN A 25 -3.06 14.85 11.00
CA GLN A 25 -2.01 14.72 9.99
C GLN A 25 -1.04 13.60 10.39
N THR A 26 -0.66 13.59 11.66
CA THR A 26 0.18 12.54 12.25
C THR A 26 -0.41 11.15 12.05
N LEU A 27 -1.68 11.00 12.40
CA LEU A 27 -2.41 9.74 12.22
C LEU A 27 -2.63 9.37 10.76
N PHE A 28 -2.88 10.38 9.92
CA PHE A 28 -3.04 10.18 8.48
C PHE A 28 -1.80 9.56 7.83
N PHE A 29 -0.63 10.07 8.22
CA PHE A 29 0.67 9.53 7.73
C PHE A 29 1.22 8.32 8.51
N THR A 30 0.42 7.77 9.41
CA THR A 30 0.61 6.41 9.90
C THR A 30 -0.16 5.50 8.93
N ASN A 31 0.46 5.23 7.79
CA ASN A 31 -0.23 4.66 6.61
C ASN A 31 -0.99 3.35 6.86
N GLN A 32 -0.45 2.49 7.71
CA GLN A 32 -1.09 1.22 8.05
C GLN A 32 -2.43 1.42 8.78
N LEU A 33 -2.50 2.45 9.62
CA LEU A 33 -3.77 2.87 10.24
C LEU A 33 -4.75 3.39 9.20
N ARG A 34 -4.25 4.19 8.26
CA ARG A 34 -5.07 4.79 7.20
C ARG A 34 -5.78 3.73 6.36
N LYS A 35 -5.01 2.78 5.83
CA LYS A 35 -5.55 1.63 5.10
C LYS A 35 -6.62 0.92 5.93
N ALA A 36 -6.26 0.62 7.17
CA ALA A 36 -7.17 0.01 8.15
C ALA A 36 -8.47 0.79 8.34
N VAL A 37 -8.35 2.11 8.46
CA VAL A 37 -9.50 3.01 8.64
C VAL A 37 -10.46 2.95 7.44
N TYR A 38 -9.92 2.85 6.24
CA TYR A 38 -10.75 2.71 5.01
C TYR A 38 -11.58 1.43 4.95
N MET A 39 -11.08 0.34 5.53
CA MET A 39 -11.78 -0.96 5.54
C MET A 39 -12.88 -1.13 6.61
N MET A 40 -13.10 -0.12 7.45
CA MET A 40 -14.16 -0.19 8.47
C MET A 40 -15.54 -0.24 7.81
N PRO A 41 -16.40 -1.21 8.21
CA PRO A 41 -17.73 -1.33 7.62
C PRO A 41 -18.68 -0.25 8.15
N THR A 42 -18.58 0.92 7.55
CA THR A 42 -19.32 2.12 7.98
C THR A 42 -20.64 2.38 7.21
N GLU A 43 -21.01 1.42 6.30
CA GLU A 43 -22.27 1.45 5.51
C GLU A 43 -23.49 1.93 6.29
N GLY A 44 -23.65 1.25 7.40
CA GLY A 44 -24.82 1.38 8.25
C GLY A 44 -24.85 2.61 9.15
N ASP A 45 -23.67 3.19 9.39
CA ASP A 45 -23.52 4.33 10.30
C ASP A 45 -24.11 5.61 9.70
N ASP A 46 -24.56 6.51 10.59
CA ASP A 46 -25.19 7.76 10.19
C ASP A 46 -24.16 8.80 9.73
N SER A 47 -24.55 9.63 8.76
CA SER A 47 -23.64 10.62 8.16
C SER A 47 -23.13 11.69 9.13
N SER A 48 -23.96 12.06 10.11
CA SER A 48 -23.65 13.16 11.03
C SER A 48 -22.84 12.74 12.25
N LYS A 49 -23.34 11.72 12.96
CA LYS A 49 -22.84 11.36 14.30
C LYS A 49 -21.96 10.09 14.36
N SER A 50 -21.27 9.77 13.26
CA SER A 50 -20.35 8.64 13.20
C SER A 50 -18.91 9.14 13.16
N VAL A 51 -18.17 8.86 14.23
CA VAL A 51 -16.75 9.24 14.31
C VAL A 51 -15.88 8.43 13.33
N PRO A 52 -16.08 7.10 13.24
CA PRO A 52 -15.31 6.31 12.27
C PRO A 52 -15.49 6.76 10.82
N LEU A 53 -16.74 7.06 10.44
CA LEU A 53 -17.03 7.61 9.12
C LEU A 53 -16.41 9.01 8.92
N ALA A 54 -16.48 9.83 9.97
CA ALA A 54 -15.91 11.18 9.94
C ALA A 54 -14.39 11.19 9.78
N LEU A 55 -13.73 10.20 10.38
CA LEU A 55 -12.29 10.01 10.21
C LEU A 55 -11.95 9.49 8.80
N GLN A 56 -12.82 8.64 8.26
CA GLN A 56 -12.72 8.18 6.87
C GLN A 56 -12.84 9.32 5.87
N ARG A 57 -13.77 10.25 6.13
CA ARG A 57 -13.97 11.42 5.28
C ARG A 57 -12.72 12.31 5.23
N VAL A 58 -12.21 12.67 6.41
CA VAL A 58 -11.01 13.50 6.51
C VAL A 58 -9.81 12.84 5.82
N PHE A 59 -9.61 11.56 6.10
CA PHE A 59 -8.52 10.78 5.51
C PHE A 59 -8.65 10.69 3.99
N TYR A 60 -9.85 10.36 3.52
CA TYR A 60 -10.16 10.35 2.08
C TYR A 60 -9.83 11.69 1.42
N GLU A 61 -10.31 12.76 2.04
CA GLU A 61 -10.11 14.13 1.51
C GLU A 61 -8.64 14.54 1.50
N LEU A 62 -7.93 14.27 2.61
CA LEU A 62 -6.48 14.53 2.68
C LEU A 62 -5.64 13.78 1.63
N GLN A 63 -6.14 12.63 1.20
CA GLN A 63 -5.51 11.86 0.13
C GLN A 63 -5.80 12.41 -1.27
N HIS A 64 -7.04 12.85 -1.49
CA HIS A 64 -7.52 13.26 -2.83
C HIS A 64 -7.59 14.77 -3.13
N SER A 65 -7.87 15.59 -2.11
CA SER A 65 -8.14 17.02 -2.33
C SER A 65 -6.90 17.84 -2.67
N ASP A 66 -7.10 18.85 -3.50
CA ASP A 66 -6.09 19.87 -3.81
C ASP A 66 -6.23 21.08 -2.87
N LYS A 67 -7.48 21.43 -2.55
CA LYS A 67 -7.79 22.47 -1.57
C LYS A 67 -7.66 21.92 -0.15
N PRO A 68 -7.55 22.81 0.87
CA PRO A 68 -7.48 22.33 2.25
C PRO A 68 -8.77 21.67 2.77
N VAL A 69 -8.58 20.71 3.68
CA VAL A 69 -9.65 19.82 4.13
C VAL A 69 -10.33 20.37 5.38
N GLY A 70 -11.66 20.31 5.39
CA GLY A 70 -12.47 20.72 6.54
C GLY A 70 -12.60 19.61 7.57
N THR A 71 -12.81 20.02 8.82
CA THR A 71 -12.97 19.10 9.96
C THR A 71 -14.23 19.38 10.80
N LYS A 72 -15.18 20.12 10.23
CA LYS A 72 -16.39 20.55 10.95
C LYS A 72 -17.34 19.38 11.26
N LYS A 73 -17.45 18.45 10.31
CA LYS A 73 -18.24 17.23 10.50
C LYS A 73 -17.62 16.29 11.54
N LEU A 74 -16.29 16.18 11.53
CA LEU A 74 -15.56 15.33 12.49
C LEU A 74 -15.61 15.88 13.91
N THR A 75 -15.54 17.20 14.07
CA THR A 75 -15.68 17.83 15.40
C THR A 75 -17.08 17.61 15.96
N LYS A 76 -18.10 17.69 15.11
CA LYS A 76 -19.49 17.45 15.50
C LYS A 76 -19.78 15.99 15.88
N SER A 77 -19.00 15.05 15.32
CA SER A 77 -19.22 13.61 15.56
C SER A 77 -18.91 13.14 17.00
N PHE A 78 -17.85 13.70 17.61
CA PHE A 78 -17.52 13.41 19.03
C PHE A 78 -17.73 14.59 20.01
N GLY A 79 -18.50 15.59 19.57
CA GLY A 79 -19.04 16.62 20.46
C GLY A 79 -18.10 17.65 21.07
N TRP A 80 -16.95 17.89 20.42
CA TRP A 80 -15.99 18.91 20.84
C TRP A 80 -16.07 20.09 19.86
N GLU A 81 -17.17 20.85 19.96
CA GLU A 81 -17.40 22.00 19.08
C GLU A 81 -16.69 23.25 19.58
N THR A 82 -16.79 23.51 20.89
CA THR A 82 -16.22 24.71 21.51
C THR A 82 -14.71 24.62 21.73
N LEU A 83 -14.12 25.78 22.01
CA LEU A 83 -12.70 25.90 22.37
C LEU A 83 -12.40 25.21 23.71
N ASP A 84 -13.30 25.41 24.68
CA ASP A 84 -13.16 24.85 26.04
C ASP A 84 -12.99 23.31 26.06
N SER A 85 -13.67 22.63 25.14
CA SER A 85 -13.52 21.17 24.95
C SER A 85 -12.08 20.75 24.73
N PHE A 86 -11.40 21.43 23.80
CA PHE A 86 -9.98 21.18 23.52
C PHE A 86 -9.04 21.65 24.63
N MET A 87 -9.43 22.74 25.31
CA MET A 87 -8.65 23.27 26.42
C MET A 87 -8.62 22.37 27.66
N GLN A 88 -9.71 21.67 27.93
CA GLN A 88 -9.80 20.76 29.09
C GLN A 88 -9.46 19.30 28.77
N HIS A 89 -8.76 19.07 27.66
CA HIS A 89 -8.26 17.75 27.27
C HIS A 89 -6.86 17.84 26.70
N ASP A 90 -6.08 16.78 26.86
CA ASP A 90 -4.73 16.69 26.27
C ASP A 90 -4.81 16.09 24.87
N VAL A 91 -3.68 16.10 24.17
CA VAL A 91 -3.60 15.52 22.82
C VAL A 91 -3.77 14.00 22.85
N GLN A 92 -3.19 13.36 23.86
CA GLN A 92 -3.31 11.90 24.04
C GLN A 92 -4.75 11.44 24.27
N GLU A 93 -5.52 12.27 24.99
CA GLU A 93 -6.92 11.99 25.28
C GLU A 93 -7.77 12.06 24.01
N LEU A 94 -7.48 13.05 23.17
CA LEU A 94 -8.14 13.16 21.86
C LEU A 94 -7.83 11.95 20.99
N CYS A 95 -6.56 11.53 21.02
CA CYS A 95 -6.12 10.35 20.29
C CYS A 95 -6.80 9.07 20.82
N ARG A 96 -7.00 8.98 22.13
CA ARG A 96 -7.74 7.87 22.73
C ARG A 96 -9.19 7.85 22.24
N VAL A 97 -9.83 9.01 22.20
CA VAL A 97 -11.21 9.14 21.71
C VAL A 97 -11.34 8.70 20.25
N LEU A 98 -10.39 9.12 19.41
CA LEU A 98 -10.39 8.74 17.98
C LEU A 98 -10.13 7.24 17.78
N LEU A 99 -9.05 6.76 18.37
CA LEU A 99 -8.63 5.35 18.20
C LEU A 99 -9.54 4.32 18.88
N ASP A 100 -10.26 4.70 19.93
CA ASP A 100 -11.25 3.79 20.56
C ASP A 100 -12.43 3.53 19.62
N ASN A 101 -13.00 4.59 19.05
CA ASN A 101 -14.08 4.48 18.06
C ASN A 101 -13.69 3.56 16.88
N VAL A 102 -12.48 3.77 16.37
CA VAL A 102 -11.93 2.98 15.27
C VAL A 102 -11.73 1.51 15.71
N GLU A 103 -11.00 1.32 16.80
CA GLU A 103 -10.76 -0.02 17.38
C GLU A 103 -12.05 -0.82 17.58
N ASN A 104 -13.08 -0.15 18.08
CA ASN A 104 -14.41 -0.76 18.27
C ASN A 104 -15.11 -1.10 16.96
N LYS A 105 -15.00 -0.24 15.94
CA LYS A 105 -15.55 -0.52 14.60
C LYS A 105 -14.83 -1.65 13.88
N MET A 106 -13.52 -1.75 14.10
CA MET A 106 -12.69 -2.80 13.48
C MET A 106 -12.84 -4.19 14.12
N LYS A 107 -13.52 -4.28 15.27
CA LYS A 107 -13.82 -5.58 15.87
C LYS A 107 -14.77 -6.38 14.97
N GLY A 108 -14.51 -7.69 14.87
CA GLY A 108 -15.25 -8.58 13.98
C GLY A 108 -15.01 -8.32 12.49
N THR A 109 -13.78 -7.95 12.13
CA THR A 109 -13.40 -7.68 10.73
C THR A 109 -12.00 -8.22 10.41
N CYS A 110 -11.66 -8.16 9.12
CA CYS A 110 -10.29 -8.44 8.64
C CYS A 110 -9.24 -7.50 9.24
N VAL A 111 -9.66 -6.31 9.65
CA VAL A 111 -8.76 -5.28 10.20
C VAL A 111 -8.73 -5.23 11.76
N GLU A 112 -9.31 -6.22 12.44
CA GLU A 112 -9.33 -6.24 13.90
C GLU A 112 -7.91 -6.26 14.50
N GLY A 113 -7.74 -5.54 15.61
CA GLY A 113 -6.47 -5.50 16.34
C GLY A 113 -5.38 -4.63 15.73
N THR A 114 -5.73 -3.74 14.80
CA THR A 114 -4.76 -2.83 14.18
C THR A 114 -4.24 -1.78 15.17
N ILE A 115 -5.12 -1.21 15.98
CA ILE A 115 -4.73 -0.21 16.98
C ILE A 115 -3.74 -0.81 18.00
N PRO A 116 -4.09 -1.95 18.63
CA PRO A 116 -3.09 -2.55 19.53
C PRO A 116 -1.82 -3.06 18.85
N LYS A 117 -1.93 -3.52 17.60
CA LYS A 117 -0.75 -3.91 16.80
C LYS A 117 0.20 -2.75 16.60
N LEU A 118 -0.34 -1.57 16.28
CA LEU A 118 0.46 -0.38 16.01
C LEU A 118 0.93 0.37 17.26
N PHE A 119 0.07 0.46 18.27
CA PHE A 119 0.29 1.39 19.41
C PHE A 119 0.46 0.77 20.81
N ARG A 120 -0.07 -0.42 21.05
CA ARG A 120 -0.08 -1.01 22.40
C ARG A 120 1.24 -1.68 22.77
N GLY A 121 1.91 -1.12 23.77
CA GLY A 121 3.06 -1.75 24.43
C GLY A 121 2.65 -2.31 25.79
N LYS A 122 3.62 -2.90 26.50
CA LYS A 122 3.39 -3.54 27.79
C LYS A 122 4.46 -3.15 28.80
N MET A 123 4.04 -2.92 30.05
CA MET A 123 4.95 -2.57 31.15
C MET A 123 4.54 -3.25 32.45
N VAL A 124 5.49 -3.34 33.39
CA VAL A 124 5.26 -3.87 34.74
C VAL A 124 5.56 -2.77 35.75
N SER A 125 4.63 -2.57 36.69
CA SER A 125 4.85 -1.71 37.85
C SER A 125 4.94 -2.60 39.07
N TYR A 126 6.03 -2.45 39.82
CA TYR A 126 6.29 -3.26 41.02
C TYR A 126 6.43 -2.38 42.25
N ILE A 127 6.04 -2.94 43.40
CA ILE A 127 6.36 -2.36 44.70
C ILE A 127 7.01 -3.49 45.51
N GLN A 128 8.29 -3.33 45.82
CA GLN A 128 9.09 -4.33 46.53
C GLN A 128 9.47 -3.81 47.92
N CYS A 129 9.03 -4.51 48.96
CA CYS A 129 9.43 -4.17 50.34
C CYS A 129 10.87 -4.59 50.61
N LYS A 130 11.58 -3.78 51.38
CA LYS A 130 13.01 -3.99 51.66
C LYS A 130 13.21 -5.04 52.75
N GLU A 131 12.64 -4.79 53.92
CA GLU A 131 12.86 -5.60 55.12
C GLU A 131 11.81 -6.71 55.38
N VAL A 132 10.83 -6.84 54.47
CA VAL A 132 9.78 -7.87 54.58
C VAL A 132 9.53 -8.49 53.20
N ASP A 133 9.14 -9.76 53.19
CA ASP A 133 8.86 -10.48 51.94
C ASP A 133 7.44 -10.19 51.46
N TYR A 134 7.33 -9.12 50.67
CA TYR A 134 6.09 -8.78 49.95
C TYR A 134 6.41 -8.02 48.67
N ARG A 135 5.78 -8.44 47.58
CA ARG A 135 5.89 -7.78 46.28
C ARG A 135 4.51 -7.65 45.65
N SER A 136 4.32 -6.59 44.87
CA SER A 136 3.04 -6.30 44.20
C SER A 136 3.28 -5.90 42.74
N ASP A 137 3.21 -6.89 41.85
CA ASP A 137 3.37 -6.68 40.41
C ASP A 137 2.02 -6.40 39.77
N ARG A 138 1.95 -5.33 38.99
CA ARG A 138 0.79 -5.06 38.12
C ARG A 138 1.28 -4.88 36.69
N ARG A 139 0.78 -5.72 35.79
CA ARG A 139 1.03 -5.58 34.36
C ARG A 139 0.02 -4.60 33.79
N GLU A 140 0.51 -3.68 32.96
CA GLU A 140 -0.33 -2.66 32.31
C GLU A 140 -0.01 -2.57 30.83
N ASP A 141 -1.06 -2.47 30.02
CA ASP A 141 -0.93 -2.03 28.64
C ASP A 141 -0.89 -0.51 28.61
N TYR A 142 -0.18 0.04 27.63
CA TYR A 142 -0.15 1.48 27.38
C TYR A 142 -0.15 1.73 25.87
N TYR A 143 -0.87 2.76 25.45
CA TYR A 143 -0.89 3.21 24.05
C TYR A 143 -0.08 4.49 23.83
N ASP A 144 0.55 4.98 24.89
CA ASP A 144 1.33 6.22 24.88
C ASP A 144 2.16 6.36 26.17
N ILE A 145 3.22 7.15 26.09
CA ILE A 145 4.10 7.39 27.25
C ILE A 145 4.20 8.89 27.52
N GLN A 146 3.93 9.28 28.76
CA GLN A 146 4.09 10.66 29.21
C GLN A 146 5.47 10.79 29.86
N LEU A 147 6.34 11.59 29.25
CA LEU A 147 7.72 11.76 29.73
C LEU A 147 7.91 13.06 30.52
N SER A 148 8.74 12.98 31.57
CA SER A 148 9.11 14.15 32.38
C SER A 148 10.32 14.84 31.75
N ILE A 149 10.27 16.17 31.67
CA ILE A 149 11.37 16.97 31.09
C ILE A 149 12.05 17.98 32.02
N LYS A 150 11.48 18.23 33.21
CA LYS A 150 12.00 19.25 34.13
C LYS A 150 13.35 18.82 34.70
N GLY A 151 14.38 19.59 34.38
CA GLY A 151 15.77 19.24 34.74
C GLY A 151 16.33 18.06 33.97
N LYS A 152 15.74 17.76 32.81
CA LYS A 152 16.17 16.67 31.93
C LYS A 152 16.64 17.30 30.62
N LYS A 153 17.87 17.01 30.23
CA LYS A 153 18.46 17.53 29.00
C LYS A 153 17.82 16.93 27.73
N ASN A 154 17.42 15.67 27.80
CA ASN A 154 17.00 14.91 26.61
C ASN A 154 16.07 13.72 26.90
N ILE A 155 15.63 13.05 25.83
CA ILE A 155 14.79 11.85 25.93
C ILE A 155 15.46 10.70 26.68
N PHE A 156 16.75 10.48 26.44
CA PHE A 156 17.50 9.43 27.15
C PHE A 156 17.37 9.60 28.68
N GLU A 157 17.60 10.81 29.16
CA GLU A 157 17.46 11.14 30.58
C GLU A 157 16.01 10.99 31.08
N SER A 158 15.04 11.30 30.21
CA SER A 158 13.62 11.09 30.54
C SER A 158 13.25 9.62 30.73
N PHE A 159 13.77 8.76 29.86
CA PHE A 159 13.61 7.31 30.01
C PHE A 159 14.37 6.74 31.22
N VAL A 160 15.53 7.33 31.53
CA VAL A 160 16.26 6.99 32.75
C VAL A 160 15.40 7.31 33.98
N ASP A 161 14.78 8.49 33.97
CA ASP A 161 13.88 8.92 35.04
C ASP A 161 12.57 8.11 35.11
N TYR A 162 12.05 7.71 33.95
CA TYR A 162 10.82 6.90 33.88
C TYR A 162 10.99 5.53 34.53
N VAL A 163 12.12 4.88 34.27
CA VAL A 163 12.44 3.57 34.88
C VAL A 163 13.18 3.64 36.23
N ALA A 164 13.54 4.85 36.66
CA ALA A 164 14.27 5.04 37.93
C ALA A 164 13.46 4.55 39.12
N VAL A 165 14.15 3.92 40.06
CA VAL A 165 13.50 3.34 41.24
C VAL A 165 13.26 4.43 42.28
N GLU A 166 12.00 4.55 42.71
CA GLU A 166 11.61 5.48 43.77
C GLU A 166 11.73 4.77 45.12
N GLN A 167 12.22 5.49 46.12
CA GLN A 167 12.39 4.97 47.48
C GLN A 167 11.25 5.45 48.37
N LEU A 168 10.40 4.51 48.78
CA LEU A 168 9.28 4.78 49.69
C LEU A 168 9.77 4.58 51.12
N ASP A 169 10.14 5.68 51.78
CA ASP A 169 10.66 5.63 53.15
C ASP A 169 10.56 6.98 53.88
N GLY A 170 10.56 6.92 55.21
CA GLY A 170 10.42 8.08 56.09
C GLY A 170 8.95 8.35 56.43
N ASP A 171 8.40 9.41 55.83
CA ASP A 171 6.97 9.75 55.94
C ASP A 171 6.14 9.11 54.85
N ASN A 172 6.75 8.89 53.67
CA ASN A 172 6.11 8.19 52.56
C ASN A 172 6.49 6.71 52.54
N LYS A 173 6.23 6.02 53.65
CA LYS A 173 6.43 4.57 53.75
C LYS A 173 5.27 3.84 53.11
N TYR A 174 5.54 2.65 52.58
CA TYR A 174 4.51 1.84 51.92
C TYR A 174 3.61 1.13 52.94
N ASP A 175 2.30 1.34 52.82
CA ASP A 175 1.29 0.60 53.57
C ASP A 175 1.19 -0.82 52.99
N ALA A 176 1.75 -1.78 53.70
CA ALA A 176 1.84 -3.18 53.26
C ALA A 176 0.80 -4.10 53.93
N GLY A 177 -0.40 -3.58 54.17
CA GLY A 177 -1.52 -4.37 54.69
C GLY A 177 -1.32 -4.88 56.11
N GLU A 178 -1.32 -6.22 56.25
CA GLU A 178 -1.12 -6.87 57.55
C GLU A 178 0.29 -6.67 58.12
N HIS A 179 1.27 -6.48 57.24
CA HIS A 179 2.65 -6.19 57.63
C HIS A 179 2.81 -4.76 58.17
N GLY A 180 1.97 -3.84 57.69
CA GLY A 180 1.94 -2.46 58.17
C GLY A 180 2.80 -1.52 57.33
N LEU A 181 3.25 -0.44 57.96
CA LEU A 181 4.13 0.54 57.29
C LEU A 181 5.52 -0.05 57.11
N GLN A 182 5.96 -0.13 55.85
CA GLN A 182 7.25 -0.74 55.49
C GLN A 182 8.03 0.13 54.52
N GLU A 183 9.35 0.15 54.70
CA GLU A 183 10.25 0.73 53.71
C GLU A 183 10.20 -0.15 52.47
N ALA A 184 10.14 0.49 51.30
CA ALA A 184 9.96 -0.22 50.03
C ALA A 184 10.50 0.54 48.84
N GLU A 185 10.68 -0.19 47.74
CA GLU A 185 11.16 0.34 46.47
C GLU A 185 10.04 0.22 45.43
N LYS A 186 9.79 1.32 44.71
CA LYS A 186 8.75 1.40 43.67
C LYS A 186 9.43 1.68 42.34
N GLY A 187 8.96 1.04 41.27
CA GLY A 187 9.55 1.21 39.94
C GLY A 187 8.72 0.66 38.79
N VAL A 188 9.15 1.02 37.58
CA VAL A 188 8.48 0.64 36.33
C VAL A 188 9.51 0.06 35.36
N LYS A 189 9.10 -0.98 34.64
CA LYS A 189 9.94 -1.65 33.64
C LYS A 189 9.13 -1.89 32.37
N PHE A 190 9.74 -1.62 31.22
CA PHE A 190 9.10 -1.86 29.92
C PHE A 190 9.31 -3.30 29.49
N LEU A 191 8.22 -3.98 29.16
CA LEU A 191 8.26 -5.34 28.62
C LEU A 191 8.36 -5.28 27.11
N THR A 192 7.50 -4.48 26.49
CA THR A 192 7.54 -4.23 25.04
C THR A 192 7.35 -2.76 24.72
N LEU A 193 7.75 -2.41 23.50
CA LEU A 193 7.54 -1.07 22.94
C LEU A 193 6.84 -1.26 21.58
N PRO A 194 5.81 -0.46 21.29
CA PRO A 194 5.02 -0.65 20.07
C PRO A 194 5.75 -0.23 18.80
N PRO A 195 5.25 -0.64 17.61
CA PRO A 195 5.80 -0.15 16.34
C PRO A 195 5.72 1.37 16.20
N VAL A 196 4.57 1.93 16.54
CA VAL A 196 4.35 3.38 16.56
C VAL A 196 4.37 3.83 18.02
N LEU A 197 5.35 4.64 18.37
CA LEU A 197 5.57 5.11 19.74
C LEU A 197 5.14 6.57 19.91
N HIS A 198 4.06 6.80 20.66
CA HIS A 198 3.58 8.16 20.98
C HIS A 198 4.13 8.63 22.33
N LEU A 199 5.05 9.60 22.27
CA LEU A 199 5.69 10.17 23.44
C LEU A 199 5.20 11.61 23.65
N GLN A 200 4.45 11.84 24.73
CA GLN A 200 4.09 13.21 25.15
C GLN A 200 5.08 13.73 26.19
N LEU A 201 5.53 14.96 25.99
CA LEU A 201 6.49 15.61 26.88
C LEU A 201 5.72 16.48 27.85
N MET A 202 5.88 16.21 29.15
CA MET A 202 5.12 16.91 30.19
C MET A 202 5.64 18.34 30.36
N ARG A 203 5.00 19.27 29.66
CA ARG A 203 5.31 20.70 29.75
C ARG A 203 4.30 21.48 30.62
N PHE A 204 3.66 20.79 31.56
CA PHE A 204 2.70 21.37 32.49
C PHE A 204 2.69 20.51 33.75
N MET A 205 3.62 20.79 34.65
CA MET A 205 3.66 20.13 35.96
C MET A 205 3.04 21.05 37.00
N TYR A 206 2.14 20.51 37.82
CA TYR A 206 1.68 21.19 39.03
C TYR A 206 2.85 21.24 40.01
N ASP A 207 3.23 22.45 40.41
CA ASP A 207 4.35 22.65 41.35
C ASP A 207 3.81 22.63 42.78
N PRO A 208 4.40 21.79 43.66
CA PRO A 208 3.94 21.75 45.06
C PRO A 208 4.41 22.93 45.92
N GLN A 209 5.64 23.40 45.71
CA GLN A 209 6.21 24.49 46.51
C GLN A 209 5.55 25.83 46.19
N THR A 210 5.50 26.16 44.90
CA THR A 210 4.89 27.40 44.42
C THR A 210 3.35 27.37 44.51
N ASP A 211 2.78 26.17 44.47
CA ASP A 211 1.32 25.94 44.57
C ASP A 211 0.58 26.56 43.38
N GLN A 212 1.06 26.25 42.18
CA GLN A 212 0.46 26.72 40.93
C GLN A 212 0.91 25.83 39.76
N ASN A 213 0.02 25.66 38.78
CA ASN A 213 0.35 24.99 37.53
C ASN A 213 1.25 25.88 36.67
N ILE A 214 2.50 25.45 36.46
CA ILE A 214 3.47 26.20 35.63
C ILE A 214 3.72 25.51 34.29
N LYS A 215 3.89 26.28 33.22
CA LYS A 215 4.37 25.76 31.94
C LYS A 215 5.89 25.70 31.98
N ILE A 216 6.45 24.73 31.27
CA ILE A 216 7.89 24.50 31.19
C ILE A 216 8.35 24.83 29.77
N ASN A 217 9.19 25.86 29.64
CA ASN A 217 9.74 26.30 28.35
C ASN A 217 11.19 25.87 28.10
N ASP A 218 11.67 24.89 28.86
CA ASP A 218 13.08 24.51 28.88
C ASP A 218 13.51 23.83 27.59
N ARG A 219 14.81 23.90 27.32
CA ARG A 219 15.42 23.18 26.20
C ARG A 219 15.38 21.69 26.48
N PHE A 220 14.95 20.92 25.48
CA PHE A 220 14.82 19.48 25.60
C PHE A 220 15.14 18.82 24.24
N GLU A 221 16.25 18.08 24.21
CA GLU A 221 16.80 17.54 22.97
C GLU A 221 16.26 16.13 22.69
N PHE A 222 15.72 15.93 21.48
CA PHE A 222 15.23 14.62 21.02
C PHE A 222 15.92 14.24 19.69
N PRO A 223 16.38 12.98 19.54
CA PRO A 223 17.18 12.60 18.37
C PRO A 223 16.37 12.06 17.19
N GLU A 224 16.99 12.10 16.01
CA GLU A 224 16.45 11.47 14.80
C GLU A 224 16.32 9.96 14.98
N GLN A 225 17.34 9.35 15.60
CA GLN A 225 17.33 7.92 15.93
C GLN A 225 17.38 7.71 17.44
N LEU A 226 16.50 6.86 17.94
CA LEU A 226 16.34 6.61 19.38
C LEU A 226 16.47 5.11 19.71
N PRO A 227 17.62 4.69 20.27
CA PRO A 227 17.74 3.30 20.76
C PRO A 227 17.15 3.15 22.15
N LEU A 228 16.31 2.14 22.34
CA LEU A 228 15.61 1.90 23.63
C LEU A 228 15.78 0.50 24.23
N ASP A 229 16.76 -0.27 23.74
CA ASP A 229 17.03 -1.63 24.27
C ASP A 229 17.37 -1.63 25.75
N GLU A 230 18.19 -0.68 26.18
CA GLU A 230 18.62 -0.57 27.58
C GLU A 230 17.49 -0.31 28.59
N PHE A 231 16.34 0.18 28.12
CA PHE A 231 15.14 0.38 28.96
C PHE A 231 14.15 -0.79 28.96
N LEU A 232 14.40 -1.81 28.13
CA LEU A 232 13.63 -3.06 28.15
C LEU A 232 14.21 -4.06 29.16
N GLN A 233 13.33 -4.84 29.79
CA GLN A 233 13.75 -5.89 30.72
C GLN A 233 14.48 -7.04 30.00
N LYS A 234 13.96 -7.43 28.84
CA LYS A 234 14.57 -8.48 28.00
C LYS A 234 14.63 -8.04 26.54
N THR A 235 15.85 -7.87 26.02
CA THR A 235 16.09 -7.45 24.64
C THR A 235 16.05 -8.64 23.67
N ASP A 236 15.56 -8.39 22.46
CA ASP A 236 15.54 -9.39 21.38
C ASP A 236 16.69 -9.11 20.39
N PRO A 237 17.65 -10.06 20.25
CA PRO A 237 18.72 -9.90 19.24
C PRO A 237 18.25 -9.75 17.80
N LYS A 238 17.19 -10.49 17.44
CA LYS A 238 16.62 -10.44 16.08
C LYS A 238 15.90 -9.12 15.75
N ASP A 239 15.36 -8.46 16.77
CA ASP A 239 14.60 -7.21 16.61
C ASP A 239 15.01 -6.21 17.73
N PRO A 240 16.01 -5.36 17.47
CA PRO A 240 16.36 -4.34 18.45
C PRO A 240 15.35 -3.21 18.44
N ALA A 241 15.29 -2.46 19.55
CA ALA A 241 14.33 -1.38 19.75
C ALA A 241 14.93 -0.03 19.34
N ASN A 242 15.36 0.06 18.08
CA ASN A 242 15.84 1.29 17.48
C ASN A 242 14.69 1.95 16.75
N TYR A 243 14.48 3.23 17.04
CA TYR A 243 13.34 3.99 16.55
C TYR A 243 13.79 5.16 15.70
N ILE A 244 12.93 5.55 14.75
CA ILE A 244 13.19 6.65 13.82
C ILE A 244 12.12 7.71 14.06
N LEU A 245 12.55 8.97 14.10
CA LEU A 245 11.64 10.09 14.34
C LEU A 245 10.74 10.34 13.13
N HIS A 246 9.43 10.30 13.37
CA HIS A 246 8.40 10.45 12.33
C HIS A 246 7.66 11.78 12.38
N ALA A 247 7.25 12.19 13.59
CA ALA A 247 6.49 13.44 13.79
C ALA A 247 6.93 14.24 15.02
N VAL A 248 6.79 15.55 14.92
CA VAL A 248 7.07 16.49 16.02
C VAL A 248 5.93 17.50 16.09
N LEU A 249 5.10 17.38 17.13
CA LEU A 249 3.98 18.31 17.35
C LEU A 249 4.45 19.46 18.24
N VAL A 250 4.38 20.66 17.69
CA VAL A 250 4.94 21.88 18.29
C VAL A 250 3.81 22.86 18.62
N HIS A 251 3.99 23.59 19.73
CA HIS A 251 3.13 24.71 20.10
C HIS A 251 3.98 25.97 20.28
N SER A 252 3.40 27.12 19.93
CA SER A 252 4.05 28.42 20.10
C SER A 252 3.08 29.44 20.68
N GLY A 253 3.66 30.50 21.27
CA GLY A 253 2.89 31.63 21.78
C GLY A 253 2.15 31.36 23.07
N ASP A 254 1.02 32.03 23.24
CA ASP A 254 0.27 31.99 24.50
C ASP A 254 -0.40 30.66 24.76
N ASN A 255 -0.52 30.31 26.04
CA ASN A 255 -1.28 29.15 26.46
C ASN A 255 -2.72 29.62 26.46
N HIS A 256 -3.64 28.72 26.14
CA HIS A 256 -5.08 29.00 26.04
C HIS A 256 -5.49 29.71 24.73
N GLY A 257 -4.52 29.97 23.86
CA GLY A 257 -4.78 30.16 22.43
C GLY A 257 -3.59 29.64 21.65
N GLY A 258 -2.63 30.54 21.41
CA GLY A 258 -1.38 30.20 20.71
C GLY A 258 -1.54 29.71 19.27
N HIS A 259 -0.51 29.01 18.81
CA HIS A 259 -0.44 28.51 17.43
C HIS A 259 0.18 27.12 17.39
N TYR A 260 -0.56 26.15 16.84
CA TYR A 260 -0.13 24.75 16.78
C TYR A 260 0.34 24.36 15.38
N VAL A 261 1.49 23.70 15.32
CA VAL A 261 2.08 23.20 14.08
C VAL A 261 2.56 21.77 14.32
N VAL A 262 2.59 20.97 13.26
CA VAL A 262 3.24 19.66 13.28
C VAL A 262 4.28 19.60 12.17
N TYR A 263 5.41 18.95 12.48
CA TYR A 263 6.47 18.65 11.51
C TYR A 263 6.48 17.15 11.31
N LEU A 264 6.56 16.73 10.05
CA LEU A 264 6.41 15.31 9.69
C LEU A 264 7.49 14.84 8.72
N ASN A 265 7.79 13.55 8.83
CA ASN A 265 8.78 12.85 8.01
C ASN A 265 8.01 11.66 7.39
N PRO A 266 7.04 11.95 6.50
CA PRO A 266 5.96 11.00 6.18
C PRO A 266 6.41 9.62 5.68
N LYS A 267 7.35 9.62 4.74
CA LYS A 267 7.90 8.36 4.19
C LYS A 267 9.03 7.74 5.04
N GLY A 268 9.38 8.38 6.14
CA GLY A 268 10.47 7.91 7.02
C GLY A 268 11.85 8.05 6.41
N ASP A 269 11.97 8.91 5.40
CA ASP A 269 13.17 9.00 4.54
C ASP A 269 14.02 10.26 4.78
N GLY A 270 13.81 10.90 5.93
CA GLY A 270 14.52 12.12 6.30
C GLY A 270 14.13 13.38 5.54
N LYS A 271 13.07 13.34 4.75
CA LYS A 271 12.62 14.47 3.93
C LYS A 271 11.42 15.13 4.60
N TRP A 272 11.70 16.22 5.33
CA TRP A 272 10.72 16.85 6.23
C TRP A 272 9.81 17.89 5.58
N CYS A 273 8.60 17.97 6.10
CA CYS A 273 7.60 18.99 5.72
C CYS A 273 6.98 19.62 6.96
N LYS A 274 6.78 20.92 6.92
CA LYS A 274 6.09 21.68 7.98
C LYS A 274 4.62 21.81 7.61
N PHE A 275 3.75 21.24 8.44
CA PHE A 275 2.30 21.31 8.25
C PHE A 275 1.69 22.39 9.16
N ASP A 276 1.54 23.58 8.60
CA ASP A 276 0.93 24.73 9.30
C ASP A 276 -0.50 24.92 8.80
N ASP A 277 -1.42 24.15 9.38
CA ASP A 277 -2.83 24.11 8.98
C ASP A 277 -2.98 23.97 7.46
N ASP A 278 -3.43 25.01 6.76
CA ASP A 278 -3.69 24.94 5.32
C ASP A 278 -2.43 24.99 4.46
N VAL A 279 -1.34 25.50 5.02
CA VAL A 279 -0.07 25.65 4.32
C VAL A 279 0.89 24.51 4.67
N VAL A 280 1.11 23.62 3.71
CA VAL A 280 2.15 22.57 3.80
C VAL A 280 3.34 23.03 2.95
N SER A 281 4.54 22.93 3.54
CA SER A 281 5.76 23.37 2.87
C SER A 281 6.96 22.50 3.28
N ARG A 282 7.94 22.43 2.40
CA ARG A 282 9.18 21.70 2.68
C ARG A 282 10.05 22.48 3.67
N CYS A 283 10.81 21.76 4.47
CA CYS A 283 11.73 22.33 5.46
C CYS A 283 12.91 21.40 5.71
N THR A 284 13.92 21.94 6.39
CA THR A 284 15.13 21.20 6.74
C THR A 284 14.89 20.29 7.94
N LYS A 285 15.75 19.28 8.10
CA LYS A 285 15.76 18.43 9.33
C LYS A 285 15.90 19.28 10.58
N GLU A 286 16.77 20.29 10.49
CA GLU A 286 17.13 21.14 11.61
C GLU A 286 15.96 22.02 12.05
N GLU A 287 15.18 22.50 11.09
CA GLU A 287 13.93 23.22 11.39
C GLU A 287 12.93 22.35 12.12
N ALA A 288 12.82 21.08 11.70
CA ALA A 288 11.92 20.12 12.33
C ALA A 288 12.41 19.64 13.69
N ILE A 289 13.69 19.29 13.77
CA ILE A 289 14.28 18.67 14.97
C ILE A 289 14.97 19.71 15.86
N GLU A 290 16.16 20.16 15.43
CA GLU A 290 17.05 20.96 16.29
C GLU A 290 16.44 22.31 16.73
N HIS A 291 15.76 22.98 15.83
CA HIS A 291 15.15 24.30 16.10
C HIS A 291 13.90 24.27 16.98
N ASN A 292 13.30 23.08 17.17
CA ASN A 292 12.17 22.89 18.10
C ASN A 292 12.56 22.32 19.48
N TYR A 293 13.85 22.36 19.79
CA TYR A 293 14.36 22.01 21.13
C TYR A 293 13.96 23.06 22.17
N GLY A 294 13.86 24.32 21.75
CA GLY A 294 13.37 25.41 22.59
C GLY A 294 14.44 26.04 23.46
N GLY A 295 14.01 26.85 24.42
CA GLY A 295 14.91 27.58 25.31
C GLY A 295 15.67 28.69 24.62
N THR A 306 8.70 28.55 21.49
CA THR A 306 8.37 27.46 20.58
C THR A 306 8.89 26.13 21.14
N ASN A 307 7.97 25.24 21.52
CA ASN A 307 8.26 24.01 22.23
C ASN A 307 7.53 22.79 21.66
N ALA A 308 8.24 21.68 21.50
CA ALA A 308 7.62 20.41 21.11
C ALA A 308 6.95 19.78 22.34
N TYR A 309 5.71 19.31 22.15
CA TYR A 309 4.94 18.66 23.23
C TYR A 309 4.63 17.17 23.02
N MET A 310 4.48 16.76 21.77
CA MET A 310 4.36 15.34 21.42
C MET A 310 5.35 14.98 20.34
N LEU A 311 5.92 13.78 20.45
CA LEU A 311 6.81 13.22 19.44
C LEU A 311 6.33 11.82 19.08
N VAL A 312 6.40 11.50 17.80
CA VAL A 312 6.05 10.17 17.30
C VAL A 312 7.30 9.53 16.69
N TYR A 313 7.71 8.40 17.27
CA TYR A 313 8.79 7.57 16.75
C TYR A 313 8.21 6.28 16.17
N ILE A 314 8.82 5.80 15.08
CA ILE A 314 8.46 4.50 14.48
C ILE A 314 9.67 3.56 14.57
N ARG A 315 9.40 2.30 14.89
CA ARG A 315 10.45 1.29 15.06
C ARG A 315 11.09 0.95 13.71
N GLU A 316 12.42 0.94 13.68
CA GLU A 316 13.19 0.71 12.44
C GLU A 316 12.76 -0.57 11.71
N SER A 317 12.62 -1.64 12.48
CA SER A 317 12.22 -2.96 11.95
C SER A 317 10.79 -2.99 11.38
N LYS A 318 9.90 -2.14 11.89
CA LYS A 318 8.49 -2.07 11.46
C LYS A 318 8.18 -0.93 10.48
N LEU A 319 9.20 -0.17 10.05
CA LEU A 319 8.99 1.05 9.27
C LEU A 319 8.34 0.83 7.89
N SER A 320 8.83 -0.17 7.16
CA SER A 320 8.32 -0.50 5.83
C SER A 320 6.86 -0.96 5.83
N GLU A 321 6.47 -1.70 6.87
CA GLU A 321 5.09 -2.14 7.06
C GLU A 321 4.18 -0.96 7.47
N VAL A 322 4.62 -0.19 8.47
CA VAL A 322 3.84 0.93 9.02
C VAL A 322 3.59 2.03 7.99
N LEU A 323 4.63 2.39 7.26
CA LEU A 323 4.55 3.42 6.20
C LEU A 323 4.40 2.83 4.79
N GLN A 324 3.74 1.67 4.69
CA GLN A 324 3.47 1.03 3.40
C GLN A 324 2.67 1.95 2.49
N ALA A 325 2.94 1.87 1.19
CA ALA A 325 2.36 2.80 0.22
C ALA A 325 0.84 2.65 0.13
N VAL A 326 0.13 3.75 0.32
CA VAL A 326 -1.31 3.83 0.08
C VAL A 326 -1.54 4.33 -1.34
N THR A 327 -2.61 3.84 -1.95
CA THR A 327 -3.08 4.31 -3.25
C THR A 327 -4.58 4.50 -3.18
N ASP A 328 -5.15 5.09 -4.22
CA ASP A 328 -6.61 5.31 -4.31
C ASP A 328 -7.40 4.00 -4.39
N HIS A 329 -6.73 2.93 -4.79
CA HIS A 329 -7.33 1.60 -4.87
C HIS A 329 -7.54 0.94 -3.50
N ASP A 330 -6.78 1.38 -2.50
CA ASP A 330 -6.88 0.86 -1.12
C ASP A 330 -8.08 1.41 -0.33
N ILE A 331 -8.88 2.28 -0.94
CA ILE A 331 -10.17 2.71 -0.41
C ILE A 331 -11.25 1.91 -1.13
N PRO A 332 -12.07 1.14 -0.39
CA PRO A 332 -13.21 0.42 -0.99
C PRO A 332 -14.14 1.32 -1.80
N GLN A 333 -14.67 0.77 -2.90
CA GLN A 333 -15.51 1.55 -3.82
C GLN A 333 -16.81 2.03 -3.17
N GLN A 334 -17.39 1.19 -2.32
CA GLN A 334 -18.60 1.53 -1.56
C GLN A 334 -18.43 2.81 -0.72
N LEU A 335 -17.27 2.95 -0.08
CA LEU A 335 -16.92 4.17 0.67
C LEU A 335 -16.70 5.37 -0.25
N VAL A 336 -16.00 5.15 -1.37
CA VAL A 336 -15.73 6.23 -2.34
C VAL A 336 -17.03 6.76 -2.94
N GLU A 337 -17.89 5.83 -3.38
CA GLU A 337 -19.23 6.17 -3.90
C GLU A 337 -20.06 7.00 -2.91
N ARG A 338 -20.02 6.61 -1.63
CA ARG A 338 -20.71 7.34 -0.57
C ARG A 338 -20.20 8.77 -0.39
N LEU A 339 -18.89 8.88 -0.22
CA LEU A 339 -18.23 10.18 0.04
C LEU A 339 -18.33 11.16 -1.14
N GLN A 340 -18.26 10.63 -2.36
CA GLN A 340 -18.50 11.44 -3.57
C GLN A 340 -19.96 11.88 -3.69
N GLU A 341 -20.89 11.00 -3.31
CA GLU A 341 -22.34 11.33 -3.31
C GLU A 341 -22.69 12.44 -2.33
N GLU A 342 -21.95 12.54 -1.24
CA GLU A 342 -22.03 13.68 -0.32
C GLU A 342 -21.45 14.95 -0.97
N LYS A 343 -20.27 14.81 -1.59
CA LYS A 343 -19.59 15.90 -2.29
C LYS A 343 -20.38 16.49 -3.48
N ARG A 344 -21.18 15.65 -4.14
CA ARG A 344 -22.07 16.11 -5.22
C ARG A 344 -23.20 17.00 -4.70
N ILE A 345 -23.84 16.57 -3.62
CA ILE A 345 -24.99 17.28 -3.03
C ILE A 345 -24.55 18.62 -2.42
N GLU A 346 -23.43 18.62 -1.71
CA GLU A 346 -22.86 19.83 -1.09
C GLU A 346 -22.53 20.93 -2.11
N ALA A 347 -22.01 20.52 -3.27
CA ALA A 347 -21.67 21.45 -4.36
C ALA A 347 -22.88 21.98 -5.14
N GLN A 348 -23.95 21.17 -5.22
CA GLN A 348 -25.19 21.55 -5.91
C GLN A 348 -26.09 22.32 -4.96
N LYS B 4 14.22 -29.07 -7.70
CA LYS B 4 14.05 -27.92 -8.59
C LYS B 4 15.30 -27.04 -8.59
N HIS B 5 16.09 -27.13 -9.65
CA HIS B 5 17.26 -26.28 -9.83
C HIS B 5 16.71 -24.88 -9.97
N THR B 6 17.58 -23.87 -9.97
CA THR B 6 17.07 -22.48 -10.06
C THR B 6 16.23 -21.98 -8.87
N GLY B 7 15.73 -22.90 -8.04
CA GLY B 7 14.83 -22.57 -6.93
C GLY B 7 13.36 -22.42 -7.31
N TYR B 8 13.06 -22.53 -8.60
CA TYR B 8 11.69 -22.42 -9.09
C TYR B 8 11.26 -23.76 -9.66
N VAL B 9 9.96 -24.02 -9.57
CA VAL B 9 9.39 -25.28 -10.06
C VAL B 9 8.47 -25.01 -11.24
N GLY B 10 8.31 -26.01 -12.10
CA GLY B 10 7.47 -25.88 -13.28
C GLY B 10 6.05 -26.41 -13.14
N LEU B 11 5.33 -26.35 -14.26
CA LEU B 11 3.96 -26.84 -14.35
C LEU B 11 3.92 -28.09 -15.23
N LYS B 12 2.99 -28.99 -14.96
CA LYS B 12 2.91 -30.27 -15.67
C LYS B 12 2.60 -30.06 -17.16
N ASN B 13 3.17 -30.92 -18.00
CA ASN B 13 3.02 -30.84 -19.45
C ASN B 13 1.58 -31.10 -19.85
N GLN B 14 0.91 -30.05 -20.31
CA GLN B 14 -0.45 -30.14 -20.83
C GLN B 14 -0.49 -29.43 -22.19
N GLY B 15 -0.60 -30.22 -23.25
CA GLY B 15 -0.66 -29.71 -24.63
C GLY B 15 -1.92 -28.92 -24.94
N ALA B 16 -3.04 -29.36 -24.37
CA ALA B 16 -4.34 -28.71 -24.52
C ALA B 16 -4.38 -27.27 -23.99
N THR B 17 -3.64 -27.00 -22.91
CA THR B 17 -3.67 -25.70 -22.22
C THR B 17 -2.96 -24.55 -22.94
N CYS B 18 -2.11 -24.88 -23.92
CA CYS B 18 -1.44 -23.90 -24.78
C CYS B 18 -0.60 -22.88 -24.00
N TYR B 19 -1.21 -21.75 -23.64
CA TYR B 19 -0.49 -20.56 -23.11
C TYR B 19 -0.81 -20.28 -21.64
N MET B 20 -1.51 -21.21 -20.99
CA MET B 20 -1.94 -21.05 -19.61
C MET B 20 -0.75 -21.09 -18.66
N ASN B 21 0.08 -22.13 -18.81
CA ASN B 21 1.30 -22.28 -18.00
C ASN B 21 2.25 -21.08 -18.08
N SER B 22 2.36 -20.48 -19.26
CA SER B 22 3.12 -19.25 -19.45
C SER B 22 2.52 -18.08 -18.66
N LEU B 23 1.20 -17.97 -18.70
CA LEU B 23 0.47 -16.93 -17.96
C LEU B 23 0.49 -17.16 -16.45
N LEU B 24 0.26 -18.40 -16.02
CA LEU B 24 0.23 -18.74 -14.58
C LEU B 24 1.55 -18.42 -13.88
N GLN B 25 2.65 -18.73 -14.56
CA GLN B 25 4.00 -18.48 -14.05
C GLN B 25 4.25 -16.97 -13.95
N THR B 26 3.89 -16.25 -15.00
CA THR B 26 3.97 -14.79 -15.06
C THR B 26 3.22 -14.13 -13.90
N LEU B 27 1.97 -14.55 -13.71
CA LEU B 27 1.13 -14.04 -12.63
C LEU B 27 1.62 -14.47 -11.24
N PHE B 28 2.14 -15.70 -11.15
CA PHE B 28 2.71 -16.20 -9.89
C PHE B 28 3.89 -15.35 -9.40
N PHE B 29 4.77 -14.96 -10.32
CA PHE B 29 5.92 -14.10 -10.00
C PHE B 29 5.63 -12.59 -10.03
N THR B 30 4.35 -12.22 -10.14
CA THR B 30 3.88 -10.90 -9.75
C THR B 30 3.52 -11.01 -8.26
N ASN B 31 4.55 -10.94 -7.42
CA ASN B 31 4.45 -11.33 -5.99
C ASN B 31 3.35 -10.64 -5.19
N GLN B 32 3.10 -9.37 -5.48
CA GLN B 32 2.05 -8.60 -4.79
C GLN B 32 0.65 -9.16 -5.06
N LEU B 33 0.42 -9.65 -6.29
CA LEU B 33 -0.81 -10.36 -6.64
C LEU B 33 -0.90 -11.68 -5.87
N ARG B 34 0.22 -12.40 -5.80
CA ARG B 34 0.27 -13.71 -5.13
C ARG B 34 -0.15 -13.61 -3.66
N LYS B 35 0.47 -12.69 -2.94
CA LYS B 35 0.11 -12.40 -1.53
C LYS B 35 -1.37 -12.09 -1.41
N ALA B 36 -1.83 -11.19 -2.27
CA ALA B 36 -3.24 -10.81 -2.37
C ALA B 36 -4.16 -12.00 -2.62
N VAL B 37 -3.77 -12.88 -3.53
CA VAL B 37 -4.54 -14.09 -3.87
C VAL B 37 -4.71 -15.01 -2.65
N TYR B 38 -3.66 -15.14 -1.84
CA TYR B 38 -3.72 -15.96 -0.62
C TYR B 38 -4.72 -15.46 0.44
N MET B 39 -4.92 -14.15 0.51
CA MET B 39 -5.84 -13.55 1.48
C MET B 39 -7.34 -13.55 1.10
N MET B 40 -7.68 -14.08 -0.07
CA MET B 40 -9.09 -14.16 -0.50
C MET B 40 -9.87 -15.10 0.42
N PRO B 41 -11.04 -14.65 0.92
CA PRO B 41 -11.83 -15.49 1.83
C PRO B 41 -12.58 -16.58 1.07
N THR B 42 -11.85 -17.67 0.78
CA THR B 42 -12.35 -18.78 -0.04
C THR B 42 -12.93 -19.97 0.75
N GLU B 43 -12.93 -19.87 2.08
CA GLU B 43 -13.45 -20.95 2.97
C GLU B 43 -14.85 -21.48 2.57
N GLY B 44 -15.74 -20.58 2.17
CA GLY B 44 -17.11 -20.94 1.77
C GLY B 44 -17.27 -21.52 0.38
N ASP B 45 -16.30 -21.25 -0.49
CA ASP B 45 -16.34 -21.70 -1.89
C ASP B 45 -16.16 -23.20 -2.04
N ASP B 46 -16.74 -23.76 -3.11
CA ASP B 46 -16.68 -25.21 -3.37
C ASP B 46 -15.31 -25.61 -3.91
N SER B 47 -14.91 -26.83 -3.59
CA SER B 47 -13.60 -27.37 -3.99
C SER B 47 -13.42 -27.51 -5.52
N SER B 48 -14.52 -27.79 -6.23
CA SER B 48 -14.46 -28.11 -7.67
C SER B 48 -14.56 -26.89 -8.56
N LYS B 49 -15.61 -26.08 -8.34
CA LYS B 49 -16.00 -25.01 -9.28
C LYS B 49 -15.65 -23.58 -8.82
N SER B 50 -14.61 -23.43 -8.00
CA SER B 50 -14.14 -22.12 -7.55
C SER B 50 -12.82 -21.77 -8.23
N VAL B 51 -12.84 -20.74 -9.07
CA VAL B 51 -11.65 -20.26 -9.77
C VAL B 51 -10.65 -19.59 -8.82
N PRO B 52 -11.12 -18.72 -7.89
CA PRO B 52 -10.22 -18.13 -6.90
C PRO B 52 -9.49 -19.15 -6.02
N LEU B 53 -10.20 -20.16 -5.56
CA LEU B 53 -9.58 -21.28 -4.81
C LEU B 53 -8.61 -22.08 -5.68
N ALA B 54 -8.98 -22.30 -6.93
CA ALA B 54 -8.15 -23.05 -7.88
C ALA B 54 -6.82 -22.33 -8.20
N LEU B 55 -6.89 -21.00 -8.24
CA LEU B 55 -5.68 -20.17 -8.41
C LEU B 55 -4.82 -20.17 -7.15
N GLN B 56 -5.47 -20.20 -5.99
CA GLN B 56 -4.78 -20.36 -4.70
C GLN B 56 -4.03 -21.69 -4.60
N ARG B 57 -4.67 -22.77 -5.09
CA ARG B 57 -4.05 -24.10 -5.09
C ARG B 57 -2.78 -24.14 -5.94
N VAL B 58 -2.88 -23.67 -7.18
CA VAL B 58 -1.74 -23.62 -8.11
C VAL B 58 -0.59 -22.78 -7.53
N PHE B 59 -0.93 -21.60 -7.03
CA PHE B 59 0.04 -20.68 -6.43
C PHE B 59 0.71 -21.28 -5.20
N TYR B 60 -0.10 -21.85 -4.31
CA TYR B 60 0.40 -22.58 -3.13
C TYR B 60 1.38 -23.68 -3.52
N GLU B 61 0.97 -24.48 -4.49
CA GLU B 61 1.75 -25.62 -4.98
C GLU B 61 3.06 -25.18 -5.65
N LEU B 62 3.00 -24.16 -6.51
CA LEU B 62 4.19 -23.57 -7.15
C LEU B 62 5.21 -23.00 -6.14
N GLN B 63 4.73 -22.55 -4.99
CA GLN B 63 5.58 -22.05 -3.91
C GLN B 63 6.24 -23.18 -3.11
N HIS B 64 5.49 -24.26 -2.84
CA HIS B 64 5.93 -25.34 -1.93
C HIS B 64 6.45 -26.63 -2.60
N SER B 65 5.92 -26.99 -3.76
CA SER B 65 6.20 -28.29 -4.38
C SER B 65 7.61 -28.40 -4.95
N ASP B 66 8.19 -29.59 -4.88
CA ASP B 66 9.43 -29.95 -5.56
C ASP B 66 9.15 -30.56 -6.94
N LYS B 67 8.08 -31.34 -7.03
CA LYS B 67 7.61 -31.92 -8.29
C LYS B 67 6.79 -30.87 -9.08
N PRO B 68 6.59 -31.09 -10.40
CA PRO B 68 5.78 -30.13 -11.17
C PRO B 68 4.29 -30.09 -10.79
N VAL B 69 3.70 -28.92 -10.96
CA VAL B 69 2.35 -28.63 -10.47
C VAL B 69 1.29 -28.89 -11.53
N GLY B 70 0.20 -29.54 -11.12
CA GLY B 70 -0.95 -29.80 -11.99
C GLY B 70 -1.91 -28.63 -12.07
N THR B 71 -2.62 -28.56 -13.19
CA THR B 71 -3.60 -27.49 -13.46
C THR B 71 -4.98 -28.02 -13.87
N LYS B 72 -5.25 -29.30 -13.61
CA LYS B 72 -6.48 -29.96 -14.06
C LYS B 72 -7.72 -29.45 -13.33
N LYS B 73 -7.59 -29.19 -12.04
CA LYS B 73 -8.66 -28.60 -11.22
C LYS B 73 -8.96 -27.15 -11.62
N LEU B 74 -7.91 -26.38 -11.93
CA LEU B 74 -8.06 -24.99 -12.36
C LEU B 74 -8.71 -24.85 -13.74
N THR B 75 -8.36 -25.73 -14.66
CA THR B 75 -9.00 -25.77 -15.98
C THR B 75 -10.49 -26.10 -15.88
N LYS B 76 -10.84 -27.03 -14.99
CA LYS B 76 -12.23 -27.42 -14.74
C LYS B 76 -13.06 -26.31 -14.07
N SER B 77 -12.41 -25.42 -13.33
CA SER B 77 -13.10 -24.34 -12.59
C SER B 77 -13.73 -23.26 -13.48
N PHE B 78 -13.05 -22.90 -14.58
CA PHE B 78 -13.60 -21.93 -15.57
C PHE B 78 -13.97 -22.55 -16.93
N GLY B 79 -14.08 -23.88 -16.97
CA GLY B 79 -14.72 -24.58 -18.10
C GLY B 79 -14.00 -24.62 -19.44
N TRP B 80 -12.67 -24.47 -19.43
CA TRP B 80 -11.83 -24.56 -20.62
C TRP B 80 -11.07 -25.90 -20.57
N GLU B 81 -11.79 -26.98 -20.78
CA GLU B 81 -11.24 -28.33 -20.71
C GLU B 81 -10.58 -28.73 -22.05
N THR B 82 -11.27 -28.44 -23.15
CA THR B 82 -10.82 -28.80 -24.49
C THR B 82 -9.74 -27.87 -25.04
N LEU B 83 -9.09 -28.32 -26.11
CA LEU B 83 -8.11 -27.53 -26.86
C LEU B 83 -8.76 -26.32 -27.55
N ASP B 84 -9.94 -26.54 -28.13
CA ASP B 84 -10.70 -25.51 -28.86
C ASP B 84 -11.00 -24.25 -28.02
N SER B 85 -11.23 -24.45 -26.73
CA SER B 85 -11.42 -23.35 -25.76
C SER B 85 -10.25 -22.36 -25.76
N PHE B 86 -9.03 -22.90 -25.68
CA PHE B 86 -7.80 -22.09 -25.73
C PHE B 86 -7.52 -21.52 -27.11
N MET B 87 -7.88 -22.26 -28.16
CA MET B 87 -7.71 -21.83 -29.55
C MET B 87 -8.58 -20.64 -29.94
N GLN B 88 -9.80 -20.57 -29.40
CA GLN B 88 -10.73 -19.47 -29.71
C GLN B 88 -10.69 -18.30 -28.68
N HIS B 89 -9.59 -18.21 -27.92
CA HIS B 89 -9.35 -17.10 -27.00
C HIS B 89 -7.88 -16.67 -27.03
N ASP B 90 -7.62 -15.40 -26.74
CA ASP B 90 -6.26 -14.86 -26.64
C ASP B 90 -5.74 -15.02 -25.20
N VAL B 91 -4.46 -14.73 -25.01
CA VAL B 91 -3.84 -14.78 -23.67
C VAL B 91 -4.40 -13.71 -22.73
N GLN B 92 -4.65 -12.51 -23.27
CA GLN B 92 -5.25 -11.41 -22.50
C GLN B 92 -6.66 -11.72 -22.00
N GLU B 93 -7.41 -12.46 -22.82
CA GLU B 93 -8.78 -12.86 -22.46
C GLU B 93 -8.78 -13.87 -21.32
N LEU B 94 -7.84 -14.80 -21.35
CA LEU B 94 -7.64 -15.75 -20.24
C LEU B 94 -7.26 -15.01 -18.96
N CYS B 95 -6.37 -14.03 -19.09
CA CYS B 95 -5.96 -13.20 -17.96
C CYS B 95 -7.12 -12.39 -17.40
N ARG B 96 -7.99 -11.89 -18.28
CA ARG B 96 -9.22 -11.20 -17.85
C ARG B 96 -10.14 -12.13 -17.06
N VAL B 97 -10.31 -13.36 -17.54
CA VAL B 97 -11.12 -14.37 -16.85
C VAL B 97 -10.57 -14.69 -15.45
N LEU B 98 -9.25 -14.85 -15.34
CA LEU B 98 -8.60 -15.13 -14.06
C LEU B 98 -8.70 -13.95 -13.09
N LEU B 99 -8.28 -12.78 -13.55
CA LEU B 99 -8.23 -11.58 -12.71
C LEU B 99 -9.61 -11.00 -12.33
N ASP B 100 -10.64 -11.25 -13.15
CA ASP B 100 -12.01 -10.82 -12.80
C ASP B 100 -12.55 -11.60 -11.60
N ASN B 101 -12.42 -12.92 -11.65
CA ASN B 101 -12.79 -13.79 -10.51
C ASN B 101 -12.11 -13.37 -9.21
N VAL B 102 -10.81 -13.11 -9.29
CA VAL B 102 -10.01 -12.67 -8.15
C VAL B 102 -10.47 -11.29 -7.66
N GLU B 103 -10.52 -10.33 -8.58
CA GLU B 103 -10.98 -8.96 -8.28
C GLU B 103 -12.36 -8.94 -7.61
N ASN B 104 -13.27 -9.79 -8.08
CA ASN B 104 -14.60 -9.93 -7.49
C ASN B 104 -14.58 -10.56 -6.08
N LYS B 105 -13.71 -11.56 -5.88
CA LYS B 105 -13.55 -12.17 -4.54
C LYS B 105 -12.91 -11.22 -3.53
N MET B 106 -11.98 -10.40 -4.01
CA MET B 106 -11.29 -9.42 -3.17
C MET B 106 -12.13 -8.19 -2.79
N LYS B 107 -13.30 -8.01 -3.40
CA LYS B 107 -14.22 -6.93 -3.02
C LYS B 107 -14.78 -7.16 -1.61
N GLY B 108 -14.90 -6.07 -0.85
CA GLY B 108 -15.33 -6.12 0.55
C GLY B 108 -14.32 -6.79 1.47
N THR B 109 -13.03 -6.62 1.16
CA THR B 109 -11.93 -7.35 1.80
C THR B 109 -10.76 -6.40 2.07
N CYS B 110 -9.84 -6.83 2.93
CA CYS B 110 -8.56 -6.11 3.17
C CYS B 110 -7.71 -5.92 1.89
N VAL B 111 -7.87 -6.84 0.95
CA VAL B 111 -7.12 -6.88 -0.31
C VAL B 111 -7.89 -6.28 -1.52
N GLU B 112 -8.99 -5.56 -1.28
CA GLU B 112 -9.75 -4.95 -2.37
C GLU B 112 -8.89 -3.96 -3.19
N GLY B 113 -9.13 -3.95 -4.50
CA GLY B 113 -8.46 -3.02 -5.42
C GLY B 113 -7.03 -3.36 -5.80
N THR B 114 -6.59 -4.59 -5.54
CA THR B 114 -5.23 -5.03 -5.90
C THR B 114 -5.03 -5.16 -7.41
N ILE B 115 -6.02 -5.72 -8.11
CA ILE B 115 -5.95 -5.86 -9.58
C ILE B 115 -5.85 -4.48 -10.26
N PRO B 116 -6.77 -3.54 -9.94
CA PRO B 116 -6.60 -2.21 -10.54
C PRO B 116 -5.35 -1.44 -10.09
N LYS B 117 -4.91 -1.67 -8.85
CA LYS B 117 -3.65 -1.08 -8.36
C LYS B 117 -2.47 -1.55 -9.18
N LEU B 118 -2.41 -2.85 -9.48
CA LEU B 118 -1.30 -3.43 -10.24
C LEU B 118 -1.37 -3.26 -11.75
N PHE B 119 -2.57 -3.36 -12.33
CA PHE B 119 -2.76 -3.48 -13.78
C PHE B 119 -3.51 -2.36 -14.50
N ARG B 120 -4.40 -1.65 -13.81
CA ARG B 120 -5.28 -0.66 -14.47
C ARG B 120 -4.60 0.68 -14.72
N GLY B 121 -4.42 1.01 -16.00
CA GLY B 121 -4.02 2.35 -16.44
C GLY B 121 -5.21 3.11 -17.00
N LYS B 122 -4.96 4.34 -17.43
CA LYS B 122 -6.01 5.23 -17.95
C LYS B 122 -5.56 5.90 -19.25
N MET B 123 -6.49 6.02 -20.20
CA MET B 123 -6.24 6.69 -21.48
C MET B 123 -7.44 7.52 -21.93
N VAL B 124 -7.18 8.47 -22.83
CA VAL B 124 -8.21 9.31 -23.45
C VAL B 124 -8.23 9.06 -24.96
N SER B 125 -9.41 8.86 -25.50
CA SER B 125 -9.63 8.83 -26.95
C SER B 125 -10.42 10.08 -27.32
N TYR B 126 -9.88 10.86 -28.26
CA TYR B 126 -10.49 12.12 -28.69
C TYR B 126 -10.79 12.11 -30.19
N ILE B 127 -11.82 12.86 -30.57
CA ILE B 127 -12.08 13.20 -31.97
C ILE B 127 -12.23 14.72 -32.00
N GLN B 128 -11.28 15.39 -32.67
CA GLN B 128 -11.25 16.85 -32.77
C GLN B 128 -11.51 17.29 -34.20
N CYS B 129 -12.57 18.08 -34.42
CA CYS B 129 -12.87 18.66 -35.73
C CYS B 129 -11.91 19.81 -36.03
N LYS B 130 -11.51 19.92 -37.29
CA LYS B 130 -10.52 20.92 -37.71
C LYS B 130 -11.16 22.29 -37.90
N GLU B 131 -12.17 22.36 -38.77
CA GLU B 131 -12.80 23.62 -39.19
C GLU B 131 -14.06 24.02 -38.40
N VAL B 132 -14.45 23.22 -37.41
CA VAL B 132 -15.64 23.49 -36.57
C VAL B 132 -15.29 23.19 -35.11
N ASP B 133 -15.92 23.92 -34.19
CA ASP B 133 -15.69 23.74 -32.76
C ASP B 133 -16.55 22.58 -32.22
N TYR B 134 -15.98 21.38 -32.29
CA TYR B 134 -16.57 20.19 -31.66
C TYR B 134 -15.46 19.20 -31.29
N ARG B 135 -15.54 18.68 -30.06
CA ARG B 135 -14.61 17.66 -29.56
C ARG B 135 -15.40 16.58 -28.81
N SER B 136 -14.88 15.35 -28.87
CA SER B 136 -15.52 14.19 -28.23
C SER B 136 -14.50 13.34 -27.49
N ASP B 137 -14.35 13.61 -26.19
CA ASP B 137 -13.42 12.88 -25.32
C ASP B 137 -14.13 11.70 -24.66
N ARG B 138 -13.50 10.53 -24.74
CA ARG B 138 -13.90 9.34 -23.95
C ARG B 138 -12.70 8.88 -23.14
N ARG B 139 -12.86 8.86 -21.82
CA ARG B 139 -11.88 8.27 -20.91
C ARG B 139 -12.14 6.77 -20.80
N GLU B 140 -11.06 5.98 -20.88
CA GLU B 140 -11.14 4.53 -20.77
C GLU B 140 -10.08 4.01 -19.83
N ASP B 141 -10.46 3.05 -18.99
CA ASP B 141 -9.52 2.22 -18.26
C ASP B 141 -9.06 1.08 -19.18
N TYR B 142 -7.83 0.63 -18.96
CA TYR B 142 -7.29 -0.54 -19.66
C TYR B 142 -6.43 -1.34 -18.68
N TYR B 143 -6.51 -2.67 -18.79
CA TYR B 143 -5.67 -3.59 -18.01
C TYR B 143 -4.56 -4.23 -18.85
N ASP B 144 -4.48 -3.84 -20.12
CA ASP B 144 -3.49 -4.38 -21.06
C ASP B 144 -3.48 -3.53 -22.35
N ILE B 145 -2.36 -3.60 -23.07
CA ILE B 145 -2.20 -2.86 -24.33
C ILE B 145 -1.86 -3.83 -25.45
N GLN B 146 -2.63 -3.76 -26.54
CA GLN B 146 -2.37 -4.54 -27.75
C GLN B 146 -1.58 -3.66 -28.71
N LEU B 147 -0.34 -4.06 -28.99
CA LEU B 147 0.56 -3.29 -29.86
C LEU B 147 0.64 -3.86 -31.28
N SER B 148 0.73 -2.96 -32.25
CA SER B 148 0.90 -3.32 -33.65
C SER B 148 2.40 -3.46 -33.96
N ILE B 149 2.76 -4.53 -34.68
CA ILE B 149 4.17 -4.80 -35.05
C ILE B 149 4.49 -4.84 -36.55
N LYS B 150 3.47 -4.87 -37.41
CA LYS B 150 3.69 -5.00 -38.87
C LYS B 150 4.34 -3.73 -39.41
N GLY B 151 5.55 -3.89 -39.94
CA GLY B 151 6.36 -2.76 -40.40
C GLY B 151 6.89 -1.88 -39.28
N LYS B 152 6.96 -2.44 -38.07
CA LYS B 152 7.48 -1.74 -36.89
C LYS B 152 8.73 -2.50 -36.43
N LYS B 153 9.85 -1.79 -36.33
CA LYS B 153 11.12 -2.38 -35.89
C LYS B 153 11.12 -2.75 -34.41
N ASN B 154 10.42 -1.98 -33.58
CA ASN B 154 10.51 -2.10 -32.12
C ASN B 154 9.30 -1.58 -31.35
N ILE B 155 9.33 -1.72 -30.02
CA ILE B 155 8.28 -1.22 -29.13
C ILE B 155 8.11 0.31 -29.20
N PHE B 156 9.22 1.05 -29.29
CA PHE B 156 9.16 2.51 -29.40
C PHE B 156 8.29 2.92 -30.60
N GLU B 157 8.54 2.32 -31.74
CA GLU B 157 7.76 2.57 -32.96
C GLU B 157 6.29 2.13 -32.82
N SER B 158 6.05 1.05 -32.08
CA SER B 158 4.68 0.60 -31.78
C SER B 158 3.90 1.60 -30.93
N PHE B 159 4.55 2.17 -29.92
CA PHE B 159 3.94 3.25 -29.11
C PHE B 159 3.78 4.55 -29.90
N VAL B 160 4.69 4.83 -30.82
CA VAL B 160 4.55 5.96 -31.74
C VAL B 160 3.29 5.78 -32.60
N ASP B 161 3.10 4.57 -33.12
CA ASP B 161 1.92 4.22 -33.92
C ASP B 161 0.62 4.19 -33.08
N TYR B 162 0.71 3.74 -31.84
CA TYR B 162 -0.45 3.68 -30.94
C TYR B 162 -1.03 5.07 -30.63
N VAL B 163 -0.15 6.04 -30.38
CA VAL B 163 -0.56 7.44 -30.13
C VAL B 163 -0.65 8.32 -31.38
N ALA B 164 -0.27 7.80 -32.55
CA ALA B 164 -0.29 8.57 -33.80
C ALA B 164 -1.70 9.06 -34.15
N VAL B 165 -1.76 10.31 -34.62
CA VAL B 165 -3.03 10.97 -34.94
C VAL B 165 -3.50 10.52 -36.31
N GLU B 166 -4.72 10.02 -36.38
CA GLU B 166 -5.36 9.64 -37.63
C GLU B 166 -6.11 10.84 -38.19
N GLN B 167 -6.03 11.02 -39.51
CA GLN B 167 -6.71 12.11 -40.21
C GLN B 167 -7.99 11.61 -40.87
N LEU B 168 -9.12 12.05 -40.34
CA LEU B 168 -10.44 11.73 -40.89
C LEU B 168 -10.82 12.77 -41.93
N ASP B 169 -10.57 12.46 -43.20
CA ASP B 169 -10.84 13.39 -44.31
C ASP B 169 -10.89 12.68 -45.66
N GLY B 170 -11.56 13.32 -46.61
CA GLY B 170 -11.62 12.81 -48.00
C GLY B 170 -12.32 11.48 -48.12
N ASP B 171 -13.66 11.52 -48.09
CA ASP B 171 -14.54 10.32 -48.07
C ASP B 171 -14.66 9.64 -46.70
N ASN B 172 -13.56 9.57 -45.93
CA ASN B 172 -13.58 9.10 -44.54
C ASN B 172 -13.69 10.26 -43.54
N LYS B 173 -14.68 11.12 -43.77
CA LYS B 173 -14.91 12.31 -42.96
C LYS B 173 -15.73 11.96 -41.72
N TYR B 174 -15.54 12.73 -40.66
CA TYR B 174 -16.24 12.52 -39.40
C TYR B 174 -17.67 13.04 -39.45
N ASP B 175 -18.63 12.18 -39.14
CA ASP B 175 -20.04 12.56 -38.97
C ASP B 175 -20.17 13.28 -37.64
N ALA B 176 -20.31 14.61 -37.70
CA ALA B 176 -20.37 15.49 -36.52
C ALA B 176 -21.80 15.95 -36.16
N GLY B 177 -22.78 15.07 -36.35
CA GLY B 177 -24.16 15.33 -35.94
C GLY B 177 -24.85 16.45 -36.69
N GLU B 178 -25.24 17.50 -35.97
CA GLU B 178 -25.91 18.67 -36.56
C GLU B 178 -24.97 19.49 -37.46
N HIS B 179 -23.67 19.44 -37.18
CA HIS B 179 -22.65 20.09 -38.02
C HIS B 179 -22.43 19.36 -39.36
N GLY B 180 -22.66 18.04 -39.35
CA GLY B 180 -22.60 17.22 -40.57
C GLY B 180 -21.24 16.59 -40.78
N LEU B 181 -20.91 16.31 -42.05
CA LEU B 181 -19.61 15.73 -42.40
C LEU B 181 -18.50 16.78 -42.25
N GLN B 182 -17.52 16.48 -41.40
CA GLN B 182 -16.43 17.41 -41.09
C GLN B 182 -15.07 16.72 -41.13
N GLU B 183 -14.07 17.45 -41.61
CA GLU B 183 -12.68 17.02 -41.49
C GLU B 183 -12.29 17.07 -40.03
N ALA B 184 -11.59 16.03 -39.56
CA ALA B 184 -11.28 15.89 -38.13
C ALA B 184 -10.04 15.04 -37.88
N GLU B 185 -9.52 15.17 -36.67
CA GLU B 185 -8.34 14.43 -36.21
C GLU B 185 -8.77 13.48 -35.09
N LYS B 186 -8.34 12.22 -35.19
CA LYS B 186 -8.65 11.16 -34.21
C LYS B 186 -7.35 10.66 -33.60
N GLY B 187 -7.35 10.40 -32.30
CA GLY B 187 -6.15 9.97 -31.59
C GLY B 187 -6.36 9.44 -30.19
N VAL B 188 -5.30 8.85 -29.64
CA VAL B 188 -5.29 8.25 -28.30
C VAL B 188 -4.09 8.81 -27.53
N LYS B 189 -4.32 9.08 -26.24
CA LYS B 189 -3.29 9.58 -25.33
C LYS B 189 -3.34 8.81 -24.01
N PHE B 190 -2.17 8.45 -23.49
CA PHE B 190 -2.06 7.77 -22.19
C PHE B 190 -2.05 8.80 -21.06
N LEU B 191 -2.94 8.62 -20.09
CA LEU B 191 -2.98 9.44 -18.87
C LEU B 191 -2.06 8.83 -17.82
N THR B 192 -2.23 7.54 -17.59
CA THR B 192 -1.37 6.78 -16.68
C THR B 192 -0.98 5.44 -17.28
N LEU B 193 0.09 4.89 -16.70
CA LEU B 193 0.57 3.56 -17.02
C LEU B 193 0.69 2.79 -15.70
N PRO B 194 0.21 1.53 -15.66
CA PRO B 194 0.16 0.78 -14.41
C PRO B 194 1.54 0.33 -13.92
N PRO B 195 1.65 -0.09 -12.64
CA PRO B 195 2.89 -0.69 -12.15
C PRO B 195 3.31 -1.93 -12.93
N VAL B 196 2.35 -2.82 -13.19
CA VAL B 196 2.57 -4.01 -14.02
C VAL B 196 1.93 -3.76 -15.39
N LEU B 197 2.76 -3.73 -16.41
CA LEU B 197 2.32 -3.40 -17.78
C LEU B 197 2.29 -4.66 -18.66
N HIS B 198 1.08 -5.08 -19.05
CA HIS B 198 0.89 -6.23 -19.96
C HIS B 198 0.76 -5.75 -21.39
N LEU B 199 1.79 -6.03 -22.20
CA LEU B 199 1.84 -5.67 -23.61
C LEU B 199 1.73 -6.91 -24.48
N GLN B 200 0.62 -7.05 -25.20
CA GLN B 200 0.47 -8.10 -26.23
C GLN B 200 0.85 -7.56 -27.61
N LEU B 201 1.65 -8.34 -28.33
CA LEU B 201 2.12 -7.98 -29.66
C LEU B 201 1.23 -8.66 -30.70
N MET B 202 0.59 -7.86 -31.56
CA MET B 202 -0.37 -8.36 -32.54
C MET B 202 0.33 -9.10 -33.68
N ARG B 203 0.44 -10.42 -33.53
CA ARG B 203 1.03 -11.31 -34.53
C ARG B 203 -0.01 -12.07 -35.38
N PHE B 204 -1.21 -11.48 -35.54
CA PHE B 204 -2.28 -12.07 -36.38
C PHE B 204 -3.06 -11.03 -37.21
N MET B 205 -2.73 -10.99 -38.50
CA MET B 205 -3.29 -10.03 -39.46
C MET B 205 -4.33 -10.73 -40.35
N TYR B 206 -5.53 -10.16 -40.42
CA TYR B 206 -6.62 -10.71 -41.25
C TYR B 206 -6.34 -10.49 -42.76
N ASP B 207 -6.29 -11.59 -43.50
CA ASP B 207 -6.12 -11.56 -44.95
C ASP B 207 -7.50 -11.61 -45.62
N PRO B 208 -7.78 -10.64 -46.53
CA PRO B 208 -9.08 -10.65 -47.22
C PRO B 208 -9.21 -11.71 -48.31
N GLN B 209 -8.14 -11.96 -49.07
CA GLN B 209 -8.16 -12.91 -50.19
C GLN B 209 -8.29 -14.35 -49.71
N THR B 210 -7.39 -14.75 -48.81
CA THR B 210 -7.40 -16.11 -48.26
C THR B 210 -8.53 -16.33 -47.23
N ASP B 211 -9.02 -15.24 -46.64
CA ASP B 211 -10.13 -15.26 -45.67
C ASP B 211 -9.75 -16.05 -44.39
N GLN B 212 -8.58 -15.72 -43.86
CA GLN B 212 -8.00 -16.35 -42.68
C GLN B 212 -7.01 -15.41 -42.00
N ASN B 213 -6.92 -15.50 -40.68
CA ASN B 213 -5.93 -14.72 -39.92
C ASN B 213 -4.53 -15.30 -40.16
N ILE B 214 -3.70 -14.50 -40.85
CA ILE B 214 -2.36 -14.92 -41.24
C ILE B 214 -1.36 -14.32 -40.23
N LYS B 215 -0.32 -15.09 -39.97
CA LYS B 215 0.59 -14.84 -38.88
C LYS B 215 1.76 -13.96 -39.32
N ILE B 216 2.29 -13.19 -38.37
CA ILE B 216 3.42 -12.29 -38.61
C ILE B 216 4.62 -12.87 -37.86
N ASN B 217 5.65 -13.28 -38.61
CA ASN B 217 6.89 -13.83 -38.04
C ASN B 217 8.07 -12.84 -38.05
N ASP B 218 7.77 -11.54 -38.18
CA ASP B 218 8.79 -10.51 -38.39
C ASP B 218 9.63 -10.28 -37.13
N ARG B 219 10.84 -9.76 -37.36
CA ARG B 219 11.72 -9.36 -36.27
C ARG B 219 11.11 -8.13 -35.59
N PHE B 220 11.09 -8.17 -34.26
CA PHE B 220 10.55 -7.09 -33.44
C PHE B 220 11.34 -6.97 -32.14
N GLU B 221 12.06 -5.85 -32.00
CA GLU B 221 13.02 -5.65 -30.90
C GLU B 221 12.35 -4.98 -29.69
N PHE B 222 12.51 -5.58 -28.52
CA PHE B 222 12.00 -5.03 -27.25
C PHE B 222 13.16 -4.92 -26.22
N PRO B 223 13.26 -3.78 -25.50
CA PRO B 223 14.41 -3.55 -24.62
C PRO B 223 14.25 -4.03 -23.17
N GLU B 224 15.38 -4.23 -22.49
CA GLU B 224 15.41 -4.52 -21.05
C GLU B 224 14.80 -3.37 -20.24
N GLN B 225 15.11 -2.14 -20.64
CA GLN B 225 14.56 -0.93 -20.03
C GLN B 225 13.75 -0.15 -21.05
N LEU B 226 12.54 0.24 -20.65
CA LEU B 226 11.59 0.92 -21.54
C LEU B 226 11.12 2.24 -20.92
N PRO B 227 11.63 3.40 -21.41
CA PRO B 227 11.10 4.70 -20.98
C PRO B 227 9.84 5.07 -21.77
N LEU B 228 8.78 5.46 -21.06
CA LEU B 228 7.49 5.78 -21.68
C LEU B 228 6.93 7.19 -21.35
N ASP B 229 7.77 8.07 -20.80
CA ASP B 229 7.35 9.44 -20.45
C ASP B 229 6.83 10.22 -21.66
N GLU B 230 7.53 10.11 -22.78
CA GLU B 230 7.17 10.81 -24.03
C GLU B 230 5.78 10.43 -24.60
N PHE B 231 5.25 9.28 -24.22
CA PHE B 231 3.89 8.85 -24.60
C PHE B 231 2.78 9.22 -23.60
N LEU B 232 3.15 9.78 -22.44
CA LEU B 232 2.17 10.32 -21.48
C LEU B 232 1.84 11.78 -21.82
N GLN B 233 0.59 12.17 -21.56
CA GLN B 233 0.16 13.57 -21.73
C GLN B 233 0.83 14.51 -20.73
N LYS B 234 0.92 14.09 -19.48
CA LYS B 234 1.57 14.85 -18.41
C LYS B 234 2.51 13.95 -17.60
N THR B 235 3.81 14.25 -17.69
CA THR B 235 4.86 13.49 -16.98
C THR B 235 5.01 13.99 -15.55
N ASP B 236 5.32 13.07 -14.64
CA ASP B 236 5.60 13.38 -13.23
C ASP B 236 7.13 13.36 -13.00
N PRO B 237 7.73 14.52 -12.62
CA PRO B 237 9.16 14.56 -12.28
C PRO B 237 9.59 13.62 -11.14
N LYS B 238 8.73 13.49 -10.13
CA LYS B 238 9.01 12.61 -8.97
C LYS B 238 8.94 11.11 -9.29
N ASP B 239 8.14 10.74 -10.29
CA ASP B 239 7.95 9.34 -10.70
C ASP B 239 7.95 9.23 -12.24
N PRO B 240 9.13 9.02 -12.85
CA PRO B 240 9.16 8.81 -14.30
C PRO B 240 8.65 7.42 -14.67
N ALA B 241 8.22 7.28 -15.92
CA ALA B 241 7.63 6.03 -16.44
C ALA B 241 8.69 5.16 -17.11
N ASN B 242 9.71 4.82 -16.35
CA ASN B 242 10.76 3.91 -16.79
C ASN B 242 10.40 2.52 -16.31
N TYR B 243 10.41 1.57 -17.23
CA TYR B 243 9.96 0.20 -16.99
C TYR B 243 11.09 -0.79 -17.18
N ILE B 244 11.01 -1.90 -16.45
CA ILE B 244 12.01 -2.97 -16.49
C ILE B 244 11.31 -4.22 -16.98
N LEU B 245 11.98 -4.95 -17.89
CA LEU B 245 11.42 -6.17 -18.48
C LEU B 245 11.41 -7.30 -17.47
N HIS B 246 10.22 -7.87 -17.25
CA HIS B 246 9.99 -8.92 -16.25
C HIS B 246 9.72 -10.29 -16.88
N ALA B 247 8.87 -10.33 -17.90
CA ALA B 247 8.49 -11.59 -18.58
C ALA B 247 8.40 -11.46 -20.10
N VAL B 248 8.69 -12.58 -20.77
CA VAL B 248 8.60 -12.69 -22.23
C VAL B 248 7.92 -14.02 -22.58
N LEU B 249 6.67 -13.94 -23.03
CA LEU B 249 5.92 -15.12 -23.43
C LEU B 249 6.13 -15.40 -24.91
N VAL B 250 6.70 -16.56 -25.20
CA VAL B 250 7.15 -16.95 -26.54
C VAL B 250 6.34 -18.14 -27.05
N HIS B 251 6.11 -18.16 -28.36
CA HIS B 251 5.51 -19.31 -29.06
C HIS B 251 6.43 -19.75 -30.19
N SER B 252 6.45 -21.07 -30.44
CA SER B 252 7.22 -21.66 -31.54
C SER B 252 6.39 -22.71 -32.29
N GLY B 253 6.80 -22.99 -33.52
CA GLY B 253 6.19 -24.05 -34.33
C GLY B 253 4.83 -23.70 -34.92
N ASP B 254 3.99 -24.71 -35.10
CA ASP B 254 2.70 -24.59 -35.78
C ASP B 254 1.65 -23.84 -34.95
N ASN B 255 0.73 -23.16 -35.65
CA ASN B 255 -0.33 -22.36 -35.00
C ASN B 255 -1.48 -23.10 -34.32
N HIS B 256 -1.96 -24.19 -34.90
CA HIS B 256 -3.03 -25.00 -34.27
C HIS B 256 -2.59 -25.80 -33.01
N GLY B 257 -1.31 -25.72 -32.65
CA GLY B 257 -0.74 -26.48 -31.53
C GLY B 257 0.54 -25.80 -31.03
N GLY B 258 1.66 -26.13 -31.68
CA GLY B 258 2.96 -25.55 -31.37
C GLY B 258 3.49 -25.82 -29.97
N HIS B 259 4.41 -24.95 -29.53
CA HIS B 259 5.08 -25.10 -28.24
C HIS B 259 5.22 -23.72 -27.58
N TYR B 260 4.66 -23.61 -26.38
CA TYR B 260 4.65 -22.35 -25.63
C TYR B 260 5.67 -22.37 -24.49
N VAL B 261 6.45 -21.30 -24.40
CA VAL B 261 7.45 -21.11 -23.35
C VAL B 261 7.31 -19.68 -22.81
N VAL B 262 7.68 -19.49 -21.55
CA VAL B 262 7.84 -18.15 -20.98
C VAL B 262 9.25 -18.01 -20.41
N TYR B 263 9.81 -16.83 -20.59
CA TYR B 263 11.09 -16.43 -19.99
C TYR B 263 10.80 -15.37 -18.94
N LEU B 264 11.42 -15.50 -17.77
CA LEU B 264 11.11 -14.67 -16.61
C LEU B 264 12.35 -14.14 -15.92
N ASN B 265 12.19 -12.97 -15.32
CA ASN B 265 13.22 -12.25 -14.56
C ASN B 265 12.60 -12.01 -13.17
N PRO B 266 12.38 -13.09 -12.39
CA PRO B 266 11.41 -13.06 -11.29
C PRO B 266 11.66 -12.00 -10.22
N LYS B 267 12.91 -11.89 -9.78
CA LYS B 267 13.31 -10.88 -8.77
C LYS B 267 13.60 -9.48 -9.36
N GLY B 268 13.47 -9.32 -10.67
CA GLY B 268 13.76 -8.07 -11.36
C GLY B 268 15.23 -7.69 -11.38
N ASP B 269 16.10 -8.68 -11.18
CA ASP B 269 17.53 -8.46 -10.93
C ASP B 269 18.43 -8.87 -12.11
N GLY B 270 17.83 -8.98 -13.29
CA GLY B 270 18.55 -9.40 -14.51
C GLY B 270 18.99 -10.85 -14.59
N LYS B 271 18.53 -11.69 -13.66
CA LYS B 271 18.91 -13.11 -13.59
C LYS B 271 17.77 -13.97 -14.16
N TRP B 272 17.90 -14.35 -15.43
CA TRP B 272 16.83 -14.97 -16.20
C TRP B 272 16.72 -16.48 -16.07
N CYS B 273 15.48 -16.98 -16.15
CA CYS B 273 15.17 -18.41 -16.19
C CYS B 273 14.17 -18.70 -17.31
N LYS B 274 14.40 -19.82 -18.00
CA LYS B 274 13.49 -20.31 -19.04
C LYS B 274 12.53 -21.32 -18.41
N PHE B 275 11.23 -21.01 -18.44
CA PHE B 275 10.18 -21.90 -17.91
C PHE B 275 9.52 -22.67 -19.06
N ASP B 276 10.02 -23.88 -19.32
CA ASP B 276 9.46 -24.78 -20.35
C ASP B 276 8.63 -25.86 -19.68
N ASP B 277 7.38 -25.53 -19.39
CA ASP B 277 6.45 -26.39 -18.65
C ASP B 277 7.09 -26.97 -17.37
N ASP B 278 7.39 -28.26 -17.34
CA ASP B 278 7.92 -28.92 -16.13
C ASP B 278 9.40 -28.63 -15.89
N VAL B 279 10.12 -28.24 -16.94
CA VAL B 279 11.56 -27.98 -16.87
C VAL B 279 11.82 -26.48 -16.74
N VAL B 280 12.28 -26.07 -15.55
CA VAL B 280 12.77 -24.71 -15.30
C VAL B 280 14.30 -24.77 -15.29
N SER B 281 14.93 -23.85 -16.01
CA SER B 281 16.39 -23.80 -16.14
C SER B 281 16.89 -22.37 -16.28
N ARG B 282 18.14 -22.15 -15.86
CA ARG B 282 18.79 -20.84 -16.01
C ARG B 282 19.17 -20.59 -17.46
N CYS B 283 19.15 -19.32 -17.85
CA CYS B 283 19.53 -18.89 -19.19
C CYS B 283 20.08 -17.47 -19.17
N THR B 284 20.69 -17.08 -20.29
CA THR B 284 21.28 -15.75 -20.45
C THR B 284 20.20 -14.71 -20.74
N LYS B 285 20.53 -13.43 -20.51
CA LYS B 285 19.66 -12.31 -20.92
C LYS B 285 19.34 -12.36 -22.41
N GLU B 286 20.36 -12.70 -23.19
CA GLU B 286 20.29 -12.71 -24.65
C GLU B 286 19.35 -13.81 -25.16
N GLU B 287 19.36 -14.97 -24.50
CA GLU B 287 18.42 -16.04 -24.79
C GLU B 287 16.97 -15.61 -24.52
N ALA B 288 16.77 -14.88 -23.42
CA ALA B 288 15.44 -14.38 -23.05
C ALA B 288 14.98 -13.21 -23.92
N ILE B 289 15.88 -12.24 -24.13
CA ILE B 289 15.54 -10.99 -24.84
C ILE B 289 15.91 -11.07 -26.33
N GLU B 290 17.21 -10.96 -26.64
CA GLU B 290 17.69 -10.77 -28.01
C GLU B 290 17.33 -11.91 -28.97
N HIS B 291 17.44 -13.15 -28.49
CA HIS B 291 17.17 -14.33 -29.32
C HIS B 291 15.68 -14.62 -29.58
N ASN B 292 14.79 -13.96 -28.83
CA ASN B 292 13.33 -14.03 -29.08
C ASN B 292 12.76 -12.85 -29.89
N TYR B 293 13.65 -12.07 -30.53
CA TYR B 293 13.25 -11.01 -31.46
C TYR B 293 12.64 -11.61 -32.75
N GLY B 294 13.12 -12.78 -33.15
CA GLY B 294 12.58 -13.53 -34.28
C GLY B 294 13.15 -13.10 -35.61
N GLY B 295 12.51 -13.56 -36.69
CA GLY B 295 12.98 -13.32 -38.04
C GLY B 295 14.24 -14.15 -38.31
N HIS B 296 15.07 -13.66 -39.23
CA HIS B 296 16.45 -14.16 -39.42
C HIS B 296 16.54 -15.70 -39.63
N ASP B 297 15.57 -16.25 -40.35
CA ASP B 297 15.55 -17.67 -40.71
C ASP B 297 16.57 -18.03 -41.80
N ASP B 298 17.14 -17.01 -42.44
CA ASP B 298 18.28 -17.14 -43.36
C ASP B 298 19.35 -18.12 -42.87
N CYS B 305 10.04 -18.28 -36.90
CA CYS B 305 9.79 -19.57 -36.27
C CYS B 305 9.48 -19.45 -34.77
N THR B 306 10.39 -18.81 -34.03
CA THR B 306 10.25 -18.56 -32.59
C THR B 306 10.04 -17.06 -32.38
N ASN B 307 8.89 -16.69 -31.82
CA ASN B 307 8.56 -15.26 -31.62
C ASN B 307 7.75 -14.94 -30.35
N ALA B 308 8.05 -13.79 -29.77
CA ALA B 308 7.40 -13.31 -28.55
C ALA B 308 6.04 -12.70 -28.89
N TYR B 309 5.02 -13.06 -28.12
CA TYR B 309 3.65 -12.55 -28.32
C TYR B 309 3.11 -11.68 -27.18
N MET B 310 3.54 -11.94 -25.94
CA MET B 310 3.24 -11.07 -24.81
C MET B 310 4.53 -10.71 -24.06
N LEU B 311 4.58 -9.47 -23.60
CA LEU B 311 5.68 -8.99 -22.76
C LEU B 311 5.11 -8.33 -21.53
N VAL B 312 5.76 -8.56 -20.39
CA VAL B 312 5.39 -7.94 -19.11
C VAL B 312 6.54 -7.05 -18.65
N TYR B 313 6.25 -5.77 -18.51
CA TYR B 313 7.17 -4.78 -17.94
C TYR B 313 6.66 -4.35 -16.57
N ILE B 314 7.59 -4.10 -15.65
CA ILE B 314 7.28 -3.55 -14.31
C ILE B 314 7.93 -2.18 -14.18
N ARG B 315 7.21 -1.24 -13.58
CA ARG B 315 7.70 0.13 -13.40
C ARG B 315 8.83 0.17 -12.37
N GLU B 316 9.92 0.86 -12.72
CA GLU B 316 11.13 0.94 -11.88
C GLU B 316 10.82 1.39 -10.45
N SER B 317 10.01 2.44 -10.34
CA SER B 317 9.61 3.00 -9.05
C SER B 317 8.75 2.07 -8.18
N LYS B 318 7.99 1.17 -8.82
CA LYS B 318 7.10 0.22 -8.13
C LYS B 318 7.69 -1.21 -7.99
N LEU B 319 8.93 -1.42 -8.42
CA LEU B 319 9.52 -2.77 -8.50
C LEU B 319 9.64 -3.49 -7.14
N SER B 320 10.15 -2.78 -6.15
CA SER B 320 10.34 -3.33 -4.79
C SER B 320 9.03 -3.74 -4.11
N GLU B 321 7.97 -2.97 -4.35
CA GLU B 321 6.64 -3.26 -3.82
C GLU B 321 6.01 -4.45 -4.57
N VAL B 322 6.06 -4.40 -5.90
CA VAL B 322 5.45 -5.44 -6.75
C VAL B 322 6.09 -6.82 -6.55
N LEU B 323 7.42 -6.85 -6.53
CA LEU B 323 8.19 -8.09 -6.33
C LEU B 323 8.65 -8.27 -4.87
N GLN B 324 7.86 -7.77 -3.92
CA GLN B 324 8.11 -7.95 -2.49
C GLN B 324 8.21 -9.42 -2.12
N ALA B 325 9.09 -9.74 -1.18
CA ALA B 325 9.37 -11.14 -0.82
C ALA B 325 8.15 -11.84 -0.22
N VAL B 326 7.79 -12.97 -0.82
CA VAL B 326 6.76 -13.85 -0.27
C VAL B 326 7.45 -14.91 0.60
N THR B 327 6.77 -15.32 1.65
CA THR B 327 7.19 -16.42 2.51
C THR B 327 5.99 -17.32 2.76
N ASP B 328 6.26 -18.47 3.37
CA ASP B 328 5.20 -19.44 3.71
C ASP B 328 4.22 -18.88 4.78
N HIS B 329 4.67 -17.88 5.53
CA HIS B 329 3.84 -17.20 6.54
C HIS B 329 2.76 -16.29 5.92
N ASP B 330 3.00 -15.84 4.69
CA ASP B 330 2.06 -14.97 3.97
C ASP B 330 0.82 -15.70 3.40
N ILE B 331 0.77 -17.03 3.58
CA ILE B 331 -0.42 -17.84 3.30
C ILE B 331 -1.13 -18.11 4.62
N PRO B 332 -2.41 -17.68 4.76
CA PRO B 332 -3.19 -17.97 5.96
C PRO B 332 -3.27 -19.45 6.29
N GLN B 333 -3.25 -19.77 7.58
CA GLN B 333 -3.23 -21.16 8.05
C GLN B 333 -4.48 -21.94 7.65
N GLN B 334 -5.63 -21.26 7.69
CA GLN B 334 -6.91 -21.85 7.27
C GLN B 334 -6.87 -22.38 5.82
N LEU B 335 -6.22 -21.62 4.93
CA LEU B 335 -6.01 -22.04 3.54
C LEU B 335 -5.01 -23.21 3.43
N VAL B 336 -3.92 -23.13 4.20
CA VAL B 336 -2.90 -24.20 4.20
C VAL B 336 -3.50 -25.51 4.71
N GLU B 337 -4.20 -25.44 5.84
CA GLU B 337 -4.91 -26.59 6.41
C GLU B 337 -5.88 -27.24 5.41
N ARG B 338 -6.62 -26.41 4.69
CA ARG B 338 -7.56 -26.88 3.66
C ARG B 338 -6.86 -27.62 2.52
N LEU B 339 -5.85 -26.97 1.95
CA LEU B 339 -5.11 -27.51 0.79
C LEU B 339 -4.33 -28.79 1.12
N GLN B 340 -3.78 -28.86 2.31
CA GLN B 340 -3.13 -30.09 2.81
C GLN B 340 -4.15 -31.22 3.08
N GLU B 341 -5.32 -30.86 3.58
CA GLU B 341 -6.42 -31.82 3.82
C GLU B 341 -6.94 -32.46 2.53
N GLU B 342 -6.87 -31.72 1.43
CA GLU B 342 -7.12 -32.28 0.09
C GLU B 342 -6.01 -33.24 -0.33
N LYS B 343 -4.76 -32.83 -0.15
CA LYS B 343 -3.58 -33.67 -0.46
C LYS B 343 -3.49 -34.97 0.33
N ARG B 344 -4.01 -34.96 1.57
CA ARG B 344 -4.09 -36.18 2.39
C ARG B 344 -5.08 -37.22 1.83
N ILE B 345 -6.27 -36.74 1.44
CA ILE B 345 -7.34 -37.60 0.92
C ILE B 345 -6.99 -38.18 -0.46
N GLU B 346 -6.41 -37.35 -1.33
CA GLU B 346 -5.95 -37.79 -2.67
C GLU B 346 -4.91 -38.92 -2.61
N ALA B 347 -4.02 -38.85 -1.62
CA ALA B 347 -2.98 -39.88 -1.41
C ALA B 347 -3.54 -41.20 -0.86
N GLN B 348 -4.61 -41.13 -0.06
CA GLN B 348 -5.24 -42.32 0.51
C GLN B 348 -6.08 -43.11 -0.51
N LYS B 349 -7.18 -42.52 -0.99
CA LYS B 349 -8.09 -43.19 -1.94
C LYS B 349 -7.47 -43.31 -3.35
#